data_9RFA
#
_entry.id   9RFA
#
_cell.length_a   80.442
_cell.length_b   121.465
_cell.length_c   132.835
_cell.angle_alpha   90.00
_cell.angle_beta   90.00
_cell.angle_gamma   90.00
#
_symmetry.space_group_name_H-M   'P 21 21 21'
#
loop_
_entity.id
_entity.type
_entity.pdbx_description
1 polymer 'Probable oxidoreductase'
2 water water
#
_entity_poly.entity_id   1
_entity_poly.type   'polypeptide(L)'
_entity_poly.pdbx_seq_one_letter_code
;MGHHHHHHAENLYFQHMAKIGFIGTGIMGKPMAQNLQKAGHSLFLSTHHDAAPADLLEAGAIALANPKEVAQEAEFIIVM
VPDTPQVEDVLFRKDGIAEGAGPNKVVIDMSSISPTATKGFAEKIKATGAQYLDAPVSGGEVGAKAATLSIMVGGCPNTF
ERALPLFQAMGKNITRVGGNGDGQTAKVANQIIVALNIQAVAEALLFAARNGADPAKVREALMGGFASSRILEVHGERMV
KGTFDPGFRISLHQKDLNLALAGARELNLNLPNTANAQQVFSTCAAIGGSNWDHSALIKGLEHMANFSIRDE
;
_entity_poly.pdbx_strand_id   A,B,C,D
#
# COMPACT_ATOMS: atom_id res chain seq x y z
N HIS A 16 17.48 -40.98 -31.69
CA HIS A 16 18.89 -40.62 -31.61
C HIS A 16 19.14 -39.17 -32.08
N MET A 17 18.16 -38.28 -31.93
CA MET A 17 18.42 -36.86 -32.28
C MET A 17 19.46 -36.32 -31.31
N ALA A 18 19.19 -36.42 -30.00
CA ALA A 18 20.13 -36.00 -28.96
C ALA A 18 19.95 -36.81 -27.68
N LYS A 19 21.05 -36.96 -26.91
CA LYS A 19 21.03 -37.66 -25.64
C LYS A 19 20.75 -36.60 -24.60
N ILE A 20 19.57 -36.69 -24.00
CA ILE A 20 19.11 -35.69 -23.02
C ILE A 20 18.83 -36.33 -21.67
N GLY A 21 19.35 -35.69 -20.63
CA GLY A 21 19.04 -36.13 -19.26
C GLY A 21 17.93 -35.26 -18.70
N PHE A 22 17.27 -35.72 -17.65
CA PHE A 22 16.11 -34.95 -17.12
C PHE A 22 15.93 -35.27 -15.64
N ILE A 23 16.42 -34.39 -14.77
CA ILE A 23 16.21 -34.57 -13.31
C ILE A 23 14.99 -33.73 -12.92
N GLY A 24 13.86 -34.38 -12.62
CA GLY A 24 12.63 -33.68 -12.27
C GLY A 24 11.48 -34.10 -13.16
N THR A 25 11.01 -35.33 -13.05
CA THR A 25 9.97 -35.85 -13.97
C THR A 25 8.60 -35.83 -13.29
N GLY A 26 8.16 -34.66 -12.85
CA GLY A 26 6.90 -34.57 -12.09
C GLY A 26 5.71 -34.13 -12.91
N ILE A 27 4.84 -33.32 -12.32
CA ILE A 27 3.57 -32.90 -12.97
C ILE A 27 3.84 -32.28 -14.34
N MET A 28 4.97 -31.59 -14.49
CA MET A 28 5.31 -31.01 -15.81
C MET A 28 6.52 -31.74 -16.39
N GLY A 29 7.48 -32.13 -15.54
CA GLY A 29 8.69 -32.81 -16.01
C GLY A 29 8.38 -34.03 -16.84
N LYS A 30 7.47 -34.86 -16.36
CA LYS A 30 7.14 -36.12 -17.07
C LYS A 30 6.55 -35.77 -18.43
N PRO A 31 5.44 -35.01 -18.56
CA PRO A 31 4.96 -34.66 -19.92
C PRO A 31 6.04 -34.04 -20.82
N MET A 32 6.90 -33.14 -20.29
CA MET A 32 7.98 -32.50 -21.04
C MET A 32 9.00 -33.54 -21.53
N ALA A 33 9.28 -34.56 -20.70
CA ALA A 33 10.17 -35.66 -21.03
C ALA A 33 9.51 -36.57 -22.09
N GLN A 34 8.24 -36.91 -21.92
CA GLN A 34 7.48 -37.71 -22.89
C GLN A 34 7.49 -37.03 -24.27
N ASN A 35 7.29 -35.70 -24.31
CA ASN A 35 7.32 -34.92 -25.55
C ASN A 35 8.70 -34.92 -26.22
N LEU A 36 9.77 -34.97 -25.44
CA LEU A 36 11.13 -35.08 -25.96
C LEU A 36 11.34 -36.49 -26.57
N GLN A 37 10.76 -37.53 -25.94
CA GLN A 37 10.83 -38.88 -26.48
C GLN A 37 10.04 -38.98 -27.79
N LYS A 38 8.88 -38.31 -27.89
CA LYS A 38 8.08 -38.27 -29.12
C LYS A 38 8.91 -37.66 -30.27
N ALA A 39 9.72 -36.64 -29.97
CA ALA A 39 10.60 -36.00 -30.96
C ALA A 39 11.82 -36.86 -31.38
N GLY A 40 11.94 -38.06 -30.83
CA GLY A 40 13.01 -39.00 -31.15
C GLY A 40 14.28 -38.83 -30.34
N HIS A 41 14.16 -38.28 -29.13
CA HIS A 41 15.33 -38.07 -28.28
C HIS A 41 15.58 -39.22 -27.33
N SER A 42 16.84 -39.41 -26.96
CA SER A 42 17.23 -40.47 -26.05
C SER A 42 17.21 -39.91 -24.64
N LEU A 43 16.36 -40.45 -23.75
CA LEU A 43 16.27 -39.93 -22.38
C LEU A 43 17.07 -40.69 -21.35
N PHE A 44 17.60 -39.96 -20.38
CA PHE A 44 18.38 -40.51 -19.30
C PHE A 44 17.87 -39.96 -18.02
N LEU A 45 17.58 -40.86 -17.07
CA LEU A 45 16.97 -40.41 -15.80
C LEU A 45 17.88 -40.76 -14.61
N SER A 46 17.65 -40.13 -13.46
CA SER A 46 18.40 -40.45 -12.22
C SER A 46 17.44 -41.10 -11.22
N THR A 47 17.89 -42.15 -10.54
CA THR A 47 17.03 -42.86 -9.57
C THR A 47 17.53 -42.59 -8.15
N HIS A 48 18.37 -41.56 -7.98
CA HIS A 48 19.00 -41.28 -6.66
C HIS A 48 17.94 -41.02 -5.59
N HIS A 49 16.82 -40.40 -5.97
CA HIS A 49 15.80 -40.06 -4.94
C HIS A 49 14.46 -40.66 -5.33
N ASP A 50 14.07 -40.48 -6.58
CA ASP A 50 12.77 -41.00 -7.01
C ASP A 50 12.91 -42.08 -8.09
N ALA A 51 11.96 -43.03 -8.14
CA ALA A 51 11.97 -44.07 -9.16
C ALA A 51 11.56 -43.51 -10.51
N ALA A 52 12.12 -44.05 -11.59
CA ALA A 52 11.81 -43.60 -12.94
C ALA A 52 10.37 -43.95 -13.35
N PRO A 53 9.64 -42.99 -13.96
CA PRO A 53 8.25 -43.25 -14.36
C PRO A 53 8.13 -44.40 -15.36
N ALA A 54 7.06 -45.19 -15.24
CA ALA A 54 6.80 -46.33 -16.11
C ALA A 54 6.58 -45.93 -17.57
N ASP A 55 5.83 -44.84 -17.81
CA ASP A 55 5.59 -44.39 -19.19
C ASP A 55 6.87 -43.90 -19.87
N LEU A 56 7.85 -43.41 -19.10
CA LEU A 56 9.11 -42.96 -19.66
C LEU A 56 9.99 -44.18 -19.93
N LEU A 57 10.09 -45.11 -18.97
CA LEU A 57 10.89 -46.30 -19.15
C LEU A 57 10.42 -47.15 -20.32
N GLU A 58 9.10 -47.42 -20.43
CA GLU A 58 8.53 -48.20 -21.53
C GLU A 58 8.82 -47.53 -22.88
N ALA A 59 8.80 -46.20 -22.93
CA ALA A 59 9.08 -45.48 -24.15
C ALA A 59 10.58 -45.34 -24.50
N GLY A 60 11.46 -45.94 -23.71
CA GLY A 60 12.88 -45.96 -24.03
C GLY A 60 13.88 -45.23 -23.17
N ALA A 61 13.45 -44.62 -22.05
CA ALA A 61 14.37 -43.90 -21.17
C ALA A 61 15.30 -44.87 -20.45
N ILE A 62 16.53 -44.45 -20.16
CA ILE A 62 17.49 -45.30 -19.47
C ILE A 62 17.78 -44.75 -18.09
N ALA A 63 17.48 -45.54 -17.06
CA ALA A 63 17.66 -45.07 -15.67
C ALA A 63 19.11 -45.21 -15.20
N LEU A 64 19.60 -44.23 -14.45
CA LEU A 64 20.97 -44.29 -13.89
C LEU A 64 20.88 -43.97 -12.41
N ALA A 65 21.98 -44.12 -11.67
CA ALA A 65 21.90 -43.95 -10.21
C ALA A 65 21.90 -42.49 -9.80
N ASN A 66 22.82 -41.69 -10.32
CA ASN A 66 22.96 -40.28 -9.84
C ASN A 66 22.84 -39.30 -11.01
N PRO A 67 22.54 -38.02 -10.74
CA PRO A 67 22.53 -36.99 -11.78
C PRO A 67 23.89 -36.92 -12.51
N LYS A 68 24.97 -37.31 -11.83
CA LYS A 68 26.33 -37.28 -12.45
C LYS A 68 26.39 -38.21 -13.65
N GLU A 69 26.04 -39.47 -13.46
CA GLU A 69 26.04 -40.45 -14.58
C GLU A 69 25.17 -39.90 -15.71
N VAL A 70 24.03 -39.29 -15.36
CA VAL A 70 23.16 -38.67 -16.39
C VAL A 70 23.99 -37.64 -17.14
N ALA A 71 24.69 -36.77 -16.42
CA ALA A 71 25.48 -35.69 -17.04
C ALA A 71 26.66 -36.29 -17.82
N GLN A 72 27.19 -37.41 -17.35
CA GLN A 72 28.30 -38.05 -18.04
C GLN A 72 27.84 -38.63 -19.39
N GLU A 73 26.62 -39.17 -19.43
CA GLU A 73 26.11 -39.77 -20.64
C GLU A 73 25.49 -38.78 -21.62
N ALA A 74 24.65 -37.86 -21.12
CA ALA A 74 23.92 -36.93 -21.98
C ALA A 74 24.66 -35.65 -22.36
N GLU A 75 24.32 -35.12 -23.55
CA GLU A 75 24.83 -33.87 -24.10
C GLU A 75 24.09 -32.71 -23.41
N PHE A 76 22.76 -32.82 -23.25
CA PHE A 76 21.95 -31.81 -22.56
C PHE A 76 21.37 -32.41 -21.28
N ILE A 77 21.30 -31.63 -20.18
CA ILE A 77 20.70 -32.11 -18.94
C ILE A 77 19.67 -31.11 -18.43
N ILE A 78 18.39 -31.44 -18.53
CA ILE A 78 17.32 -30.57 -18.08
C ILE A 78 17.04 -30.81 -16.59
N VAL A 79 16.75 -29.72 -15.88
CA VAL A 79 16.38 -29.78 -14.44
C VAL A 79 15.00 -29.14 -14.28
N MET A 80 14.13 -29.74 -13.47
CA MET A 80 12.77 -29.21 -13.24
C MET A 80 12.36 -29.53 -11.80
N VAL A 81 12.81 -28.72 -10.85
CA VAL A 81 12.52 -28.95 -9.40
C VAL A 81 11.75 -27.74 -8.85
N PRO A 82 11.05 -27.84 -7.69
CA PRO A 82 10.16 -26.75 -7.24
C PRO A 82 10.76 -25.38 -6.86
N ASP A 83 11.99 -25.30 -6.29
CA ASP A 83 12.54 -23.99 -5.92
C ASP A 83 14.08 -23.94 -5.89
N THR A 84 14.65 -22.76 -5.60
CA THR A 84 16.09 -22.48 -5.55
C THR A 84 16.91 -23.52 -4.78
N PRO A 85 16.57 -23.90 -3.51
CA PRO A 85 17.40 -24.89 -2.81
C PRO A 85 17.51 -26.26 -3.47
N GLN A 86 16.45 -26.73 -4.13
CA GLN A 86 16.48 -28.03 -4.80
C GLN A 86 17.28 -27.99 -6.11
N VAL A 87 17.41 -26.79 -6.74
CA VAL A 87 18.23 -26.62 -7.95
C VAL A 87 19.69 -26.65 -7.52
N GLU A 88 20.04 -25.97 -6.42
CA GLU A 88 21.41 -25.96 -5.89
C GLU A 88 21.83 -27.41 -5.52
N ASP A 89 20.90 -28.21 -4.97
CA ASP A 89 21.17 -29.60 -4.60
C ASP A 89 21.51 -30.49 -5.82
N VAL A 90 20.59 -30.67 -6.79
CA VAL A 90 20.86 -31.51 -7.96
C VAL A 90 22.11 -31.09 -8.73
N LEU A 91 22.47 -29.80 -8.66
CA LEU A 91 23.65 -29.33 -9.37
C LEU A 91 24.93 -29.67 -8.64
N PHE A 92 25.04 -29.31 -7.35
CA PHE A 92 26.31 -29.42 -6.65
C PHE A 92 26.39 -30.37 -5.45
N ARG A 93 25.47 -31.33 -5.31
CA ARG A 93 25.60 -32.34 -4.22
C ARG A 93 26.66 -33.39 -4.65
N LYS A 94 26.96 -34.37 -3.79
CA LYS A 94 27.90 -35.44 -4.24
C LYS A 94 27.21 -36.29 -5.31
N ASP A 95 27.90 -36.58 -6.40
CA ASP A 95 27.32 -37.35 -7.54
C ASP A 95 26.22 -36.50 -8.17
N GLY A 96 26.41 -35.18 -8.20
CA GLY A 96 25.42 -34.28 -8.82
C GLY A 96 25.73 -33.98 -10.28
N ILE A 97 24.97 -33.06 -10.87
CA ILE A 97 25.16 -32.73 -12.28
C ILE A 97 26.56 -32.14 -12.56
N ALA A 98 27.03 -31.18 -11.72
CA ALA A 98 28.35 -30.58 -11.88
C ALA A 98 29.51 -31.58 -11.92
N GLU A 99 29.48 -32.60 -11.04
CA GLU A 99 30.54 -33.61 -11.01
C GLU A 99 30.59 -34.53 -12.25
N GLY A 100 29.56 -34.46 -13.11
CA GLY A 100 29.48 -35.20 -14.36
C GLY A 100 29.53 -34.31 -15.60
N ALA A 101 29.39 -32.98 -15.39
CA ALA A 101 29.40 -31.96 -16.45
C ALA A 101 30.80 -31.65 -16.94
N GLY A 102 30.89 -31.25 -18.20
CA GLY A 102 32.13 -30.91 -18.85
C GLY A 102 31.97 -30.32 -20.23
N PRO A 103 33.10 -30.15 -20.94
CA PRO A 103 33.04 -29.52 -22.28
C PRO A 103 32.05 -30.15 -23.23
N ASN A 104 31.23 -29.29 -23.86
CA ASN A 104 30.16 -29.60 -24.81
C ASN A 104 28.88 -30.17 -24.18
N LYS A 105 28.78 -30.13 -22.84
CA LYS A 105 27.58 -30.54 -22.15
C LYS A 105 26.80 -29.27 -21.76
N VAL A 106 25.48 -29.30 -21.89
CA VAL A 106 24.63 -28.14 -21.59
C VAL A 106 23.67 -28.44 -20.46
N VAL A 107 23.81 -27.74 -19.33
CA VAL A 107 22.90 -27.88 -18.18
C VAL A 107 21.79 -26.85 -18.34
N ILE A 108 20.55 -27.30 -18.55
CA ILE A 108 19.41 -26.41 -18.69
C ILE A 108 18.48 -26.47 -17.49
N ASP A 109 18.47 -25.42 -16.65
CA ASP A 109 17.55 -25.35 -15.53
C ASP A 109 16.21 -24.83 -16.03
N MET A 110 15.17 -25.65 -15.99
CA MET A 110 13.83 -25.20 -16.42
C MET A 110 12.90 -24.85 -15.23
N SER A 111 13.46 -24.84 -14.00
CA SER A 111 12.75 -24.46 -12.79
C SER A 111 12.60 -22.93 -12.79
N SER A 112 11.62 -22.43 -12.04
CA SER A 112 11.40 -20.99 -11.90
C SER A 112 11.98 -20.63 -10.53
N ILE A 113 13.21 -20.12 -10.51
CA ILE A 113 13.94 -19.83 -9.29
C ILE A 113 14.53 -18.38 -9.25
N SER A 114 15.34 -18.07 -8.21
CA SER A 114 15.99 -16.79 -8.02
C SER A 114 16.92 -16.50 -9.16
N PRO A 115 16.71 -15.37 -9.86
CA PRO A 115 17.64 -14.98 -10.94
C PRO A 115 19.05 -14.69 -10.42
N THR A 116 19.18 -14.25 -9.16
CA THR A 116 20.49 -13.98 -8.56
C THR A 116 21.22 -15.27 -8.22
N ALA A 117 20.50 -16.24 -7.66
CA ALA A 117 21.11 -17.55 -7.37
C ALA A 117 21.52 -18.24 -8.68
N THR A 118 20.72 -18.07 -9.76
CA THR A 118 20.96 -18.61 -11.09
C THR A 118 22.31 -18.15 -11.67
N LYS A 119 22.63 -16.87 -11.52
CA LYS A 119 23.89 -16.31 -12.00
C LYS A 119 25.10 -16.99 -11.35
N GLY A 120 24.99 -17.29 -10.06
CA GLY A 120 26.05 -18.00 -9.33
C GLY A 120 26.15 -19.46 -9.74
N PHE A 121 25.00 -20.10 -9.99
CA PHE A 121 24.95 -21.50 -10.43
C PHE A 121 25.63 -21.63 -11.77
N ALA A 122 25.29 -20.75 -12.71
CA ALA A 122 25.80 -20.75 -14.07
C ALA A 122 27.31 -20.68 -14.12
N GLU A 123 27.94 -19.83 -13.29
CA GLU A 123 29.38 -19.66 -13.26
C GLU A 123 30.11 -20.91 -12.77
N LYS A 124 29.49 -21.66 -11.83
CA LYS A 124 30.06 -22.90 -11.31
C LYS A 124 29.96 -24.03 -12.32
N ILE A 125 28.89 -24.04 -13.14
CA ILE A 125 28.70 -25.02 -14.21
C ILE A 125 29.64 -24.70 -15.39
N LYS A 126 29.88 -23.41 -15.66
CA LYS A 126 30.81 -22.98 -16.71
C LYS A 126 32.25 -23.33 -16.34
N ALA A 127 32.58 -23.38 -15.03
CA ALA A 127 33.92 -23.72 -14.53
C ALA A 127 34.30 -25.16 -14.86
N THR A 128 33.32 -26.07 -14.97
CA THR A 128 33.54 -27.46 -15.36
C THR A 128 33.80 -27.63 -16.88
N GLY A 129 33.63 -26.56 -17.66
CA GLY A 129 33.75 -26.62 -19.11
C GLY A 129 32.39 -26.68 -19.80
N ALA A 130 31.33 -27.00 -19.04
CA ALA A 130 29.94 -27.08 -19.52
C ALA A 130 29.34 -25.68 -19.78
N GLN A 131 28.20 -25.64 -20.47
CA GLN A 131 27.42 -24.41 -20.68
C GLN A 131 26.14 -24.49 -19.82
N TYR A 132 25.51 -23.34 -19.61
CA TYR A 132 24.32 -23.26 -18.79
C TYR A 132 23.23 -22.45 -19.49
N LEU A 133 21.99 -22.90 -19.38
CA LEU A 133 20.85 -22.17 -19.89
C LEU A 133 19.79 -22.12 -18.80
N ASP A 134 19.37 -20.92 -18.39
CA ASP A 134 18.26 -20.82 -17.44
C ASP A 134 17.02 -20.60 -18.32
N ALA A 135 16.19 -21.63 -18.46
CA ALA A 135 15.03 -21.56 -19.35
C ALA A 135 13.72 -21.85 -18.60
N PRO A 136 13.31 -20.98 -17.64
CA PRO A 136 12.06 -21.23 -16.92
C PRO A 136 10.84 -21.28 -17.83
N VAL A 137 9.86 -22.07 -17.46
CA VAL A 137 8.67 -22.23 -18.29
C VAL A 137 7.43 -21.62 -17.64
N SER A 138 6.46 -21.29 -18.49
CA SER A 138 5.17 -20.75 -18.11
C SER A 138 4.11 -21.58 -18.87
N GLY A 139 3.09 -22.09 -18.19
CA GLY A 139 2.06 -22.88 -18.86
C GLY A 139 1.43 -24.01 -18.10
N GLY A 140 2.00 -24.36 -16.95
CA GLY A 140 1.47 -25.42 -16.09
C GLY A 140 1.42 -26.81 -16.71
N GLU A 141 0.66 -27.72 -16.09
CA GLU A 141 0.54 -29.09 -16.58
C GLU A 141 -0.22 -29.14 -17.90
N VAL A 142 -1.15 -28.21 -18.14
CA VAL A 142 -1.89 -28.19 -19.40
C VAL A 142 -0.98 -27.85 -20.58
N GLY A 143 -0.14 -26.83 -20.42
CA GLY A 143 0.81 -26.41 -21.44
C GLY A 143 2.01 -27.34 -21.58
N ALA A 144 2.37 -28.06 -20.51
CA ALA A 144 3.48 -29.00 -20.56
C ALA A 144 3.06 -30.25 -21.35
N LYS A 145 1.82 -30.71 -21.15
CA LYS A 145 1.26 -31.87 -21.83
C LYS A 145 1.05 -31.53 -23.31
N ALA A 146 0.50 -30.33 -23.59
CA ALA A 146 0.21 -29.92 -24.95
C ALA A 146 1.40 -29.33 -25.71
N ALA A 147 2.58 -29.20 -25.05
CA ALA A 147 3.80 -28.61 -25.61
C ALA A 147 3.58 -27.19 -26.15
N THR A 148 2.73 -26.43 -25.48
CA THR A 148 2.43 -25.04 -25.85
C THR A 148 3.02 -24.04 -24.84
N LEU A 149 4.00 -24.49 -24.04
CA LEU A 149 4.71 -23.76 -23.00
C LEU A 149 5.40 -22.49 -23.50
N SER A 150 5.56 -21.51 -22.61
CA SER A 150 6.31 -20.30 -22.93
C SER A 150 7.69 -20.49 -22.28
N ILE A 151 8.75 -20.47 -23.08
CA ILE A 151 10.09 -20.67 -22.54
C ILE A 151 10.91 -19.39 -22.68
N MET A 152 11.42 -18.86 -21.55
CA MET A 152 12.22 -17.62 -21.53
C MET A 152 13.61 -18.03 -21.17
N VAL A 153 14.58 -17.76 -22.07
CA VAL A 153 15.92 -18.32 -21.89
C VAL A 153 17.08 -17.33 -21.67
N GLY A 154 17.88 -17.61 -20.67
CA GLY A 154 19.11 -16.88 -20.41
C GLY A 154 20.26 -17.80 -20.75
N GLY A 155 21.24 -17.28 -21.47
CA GLY A 155 22.41 -18.06 -21.84
C GLY A 155 23.09 -17.60 -23.10
N CYS A 156 24.13 -18.33 -23.50
CA CYS A 156 24.96 -18.04 -24.67
C CYS A 156 24.15 -18.25 -25.95
N PRO A 157 24.22 -17.31 -26.92
CA PRO A 157 23.45 -17.48 -28.16
C PRO A 157 23.69 -18.82 -28.87
N ASN A 158 24.94 -19.30 -28.97
CA ASN A 158 25.19 -20.61 -29.59
C ASN A 158 24.50 -21.72 -28.79
N THR A 159 24.68 -21.71 -27.47
CA THR A 159 24.06 -22.68 -26.57
C THR A 159 22.53 -22.69 -26.72
N PHE A 160 21.94 -21.51 -26.95
CA PHE A 160 20.51 -21.36 -27.16
C PHE A 160 20.13 -22.01 -28.49
N GLU A 161 20.90 -21.77 -29.57
CA GLU A 161 20.60 -22.36 -30.88
C GLU A 161 20.79 -23.86 -30.86
N ARG A 162 21.71 -24.38 -30.05
CA ARG A 162 21.88 -25.83 -29.90
C ARG A 162 20.65 -26.42 -29.23
N ALA A 163 20.14 -25.77 -28.18
CA ALA A 163 19.00 -26.27 -27.42
C ALA A 163 17.63 -25.92 -27.99
N LEU A 164 17.56 -25.02 -28.98
CA LEU A 164 16.33 -24.56 -29.61
C LEU A 164 15.42 -25.68 -30.15
N PRO A 165 15.93 -26.72 -30.88
CA PRO A 165 15.02 -27.79 -31.32
C PRO A 165 14.45 -28.58 -30.14
N LEU A 166 15.13 -28.60 -28.96
CA LEU A 166 14.60 -29.30 -27.79
C LEU A 166 13.48 -28.48 -27.15
N PHE A 167 13.64 -27.15 -27.10
CA PHE A 167 12.61 -26.27 -26.56
C PHE A 167 11.38 -26.31 -27.48
N GLN A 168 11.58 -26.47 -28.81
CA GLN A 168 10.50 -26.56 -29.78
C GLN A 168 9.66 -27.83 -29.65
N ALA A 169 10.17 -28.86 -28.96
CA ALA A 169 9.42 -30.09 -28.72
C ALA A 169 8.59 -30.00 -27.41
N MET A 170 8.95 -29.09 -26.49
CA MET A 170 8.22 -28.91 -25.23
C MET A 170 7.39 -27.61 -25.15
N GLY A 171 7.68 -26.65 -26.02
CA GLY A 171 7.01 -25.34 -26.00
C GLY A 171 6.78 -24.67 -27.34
N LYS A 172 6.13 -23.50 -27.31
CA LYS A 172 5.79 -22.73 -28.51
C LYS A 172 6.51 -21.36 -28.52
N ASN A 173 6.14 -20.43 -27.62
CA ASN A 173 6.73 -19.08 -27.52
C ASN A 173 8.10 -19.19 -26.85
N ILE A 174 9.16 -19.32 -27.66
CA ILE A 174 10.50 -19.50 -27.12
C ILE A 174 11.33 -18.30 -27.46
N THR A 175 11.92 -17.68 -26.44
CA THR A 175 12.69 -16.44 -26.66
C THR A 175 13.92 -16.38 -25.76
N ARG A 176 15.07 -16.00 -26.32
CA ARG A 176 16.27 -15.80 -25.49
C ARG A 176 16.23 -14.36 -24.98
N VAL A 177 16.28 -14.17 -23.67
CA VAL A 177 16.14 -12.80 -23.11
C VAL A 177 17.52 -12.14 -23.05
N GLY A 178 18.55 -12.91 -22.74
CA GLY A 178 19.91 -12.36 -22.64
C GLY A 178 20.83 -13.35 -21.97
N GLY A 179 21.85 -12.83 -21.27
CA GLY A 179 22.82 -13.70 -20.60
C GLY A 179 22.23 -14.55 -19.51
N ASN A 180 23.08 -15.29 -18.77
CA ASN A 180 22.59 -16.15 -17.70
C ASN A 180 21.98 -15.36 -16.57
N GLY A 181 20.80 -15.79 -16.17
CA GLY A 181 19.99 -15.14 -15.15
C GLY A 181 18.81 -14.40 -15.76
N ASP A 182 18.95 -13.89 -17.01
CA ASP A 182 17.91 -13.11 -17.71
C ASP A 182 16.64 -13.89 -18.03
N GLY A 183 16.73 -15.21 -18.12
CA GLY A 183 15.57 -16.04 -18.35
C GLY A 183 14.71 -16.06 -17.11
N GLN A 184 15.34 -16.35 -15.94
CA GLN A 184 14.67 -16.36 -14.63
C GLN A 184 14.10 -14.99 -14.31
N THR A 185 14.83 -13.91 -14.67
CA THR A 185 14.44 -12.52 -14.49
C THR A 185 13.18 -12.19 -15.30
N ALA A 186 13.07 -12.72 -16.52
CA ALA A 186 11.88 -12.49 -17.34
C ALA A 186 10.68 -13.27 -16.76
N LYS A 187 10.92 -14.46 -16.23
CA LYS A 187 9.88 -15.28 -15.62
C LYS A 187 9.26 -14.57 -14.41
N VAL A 188 10.08 -13.98 -13.53
CA VAL A 188 9.61 -13.24 -12.36
C VAL A 188 8.80 -12.01 -12.79
N ALA A 189 9.31 -11.26 -13.78
CA ALA A 189 8.65 -10.09 -14.35
C ALA A 189 7.27 -10.50 -14.91
N ASN A 190 7.19 -11.69 -15.56
CA ASN A 190 5.94 -12.19 -16.12
C ASN A 190 4.93 -12.38 -15.01
N GLN A 191 5.36 -12.97 -13.88
CA GLN A 191 4.50 -13.21 -12.72
C GLN A 191 4.08 -11.93 -11.99
N ILE A 192 4.90 -10.87 -12.04
CA ILE A 192 4.51 -9.58 -11.45
C ILE A 192 3.34 -9.04 -12.27
N ILE A 193 3.47 -9.00 -13.59
CA ILE A 193 2.39 -8.44 -14.46
C ILE A 193 1.12 -9.27 -14.29
N VAL A 194 1.20 -10.59 -14.38
CA VAL A 194 -0.03 -11.44 -14.33
C VAL A 194 -0.78 -11.16 -13.04
N ALA A 195 -0.08 -11.19 -11.90
CA ALA A 195 -0.72 -10.95 -10.59
C ALA A 195 -1.35 -9.56 -10.58
N LEU A 196 -0.58 -8.53 -10.90
CA LEU A 196 -1.09 -7.16 -10.87
C LEU A 196 -2.16 -6.90 -11.90
N ASN A 197 -2.10 -7.59 -13.03
CA ASN A 197 -3.17 -7.46 -14.05
C ASN A 197 -4.45 -8.06 -13.48
N ILE A 198 -4.34 -9.16 -12.75
CA ILE A 198 -5.52 -9.82 -12.13
C ILE A 198 -6.11 -8.85 -11.11
N GLN A 199 -5.26 -8.25 -10.28
CA GLN A 199 -5.73 -7.30 -9.25
C GLN A 199 -6.37 -6.10 -9.92
N ALA A 200 -5.85 -5.69 -11.08
CA ALA A 200 -6.41 -4.56 -11.80
C ALA A 200 -7.81 -4.86 -12.32
N VAL A 201 -8.02 -6.06 -12.91
CA VAL A 201 -9.32 -6.46 -13.41
C VAL A 201 -10.27 -6.58 -12.22
N ALA A 202 -9.80 -7.19 -11.12
CA ALA A 202 -10.59 -7.39 -9.91
C ALA A 202 -11.01 -6.09 -9.22
N GLU A 203 -10.10 -5.12 -9.12
CA GLU A 203 -10.41 -3.86 -8.47
C GLU A 203 -11.41 -3.06 -9.29
N ALA A 204 -11.21 -3.00 -10.60
CA ALA A 204 -12.14 -2.30 -11.47
C ALA A 204 -13.52 -2.96 -11.49
N LEU A 205 -13.56 -4.32 -11.55
CA LEU A 205 -14.84 -5.04 -11.57
C LEU A 205 -15.58 -5.00 -10.24
N LEU A 206 -14.83 -4.89 -9.14
CA LEU A 206 -15.45 -4.72 -7.84
C LEU A 206 -16.08 -3.32 -7.77
N PHE A 207 -15.36 -2.31 -8.26
CA PHE A 207 -15.83 -0.95 -8.29
C PHE A 207 -17.08 -0.82 -9.18
N ALA A 208 -17.07 -1.51 -10.34
CA ALA A 208 -18.19 -1.48 -11.28
C ALA A 208 -19.46 -2.07 -10.68
N ALA A 209 -19.37 -3.28 -10.09
CA ALA A 209 -20.50 -3.92 -9.45
C ALA A 209 -20.99 -3.18 -8.23
N ARG A 210 -20.07 -2.61 -7.42
CA ARG A 210 -20.45 -1.86 -6.23
C ARG A 210 -21.21 -0.58 -6.59
N ASN A 211 -20.92 0.02 -7.77
CA ASN A 211 -21.62 1.22 -8.27
C ASN A 211 -22.92 0.90 -9.06
N GLY A 212 -23.35 -0.37 -9.03
CA GLY A 212 -24.59 -0.81 -9.66
C GLY A 212 -24.51 -1.32 -11.08
N ALA A 213 -23.35 -1.20 -11.73
CA ALA A 213 -23.19 -1.67 -13.11
C ALA A 213 -23.01 -3.20 -13.19
N ASP A 214 -23.41 -3.79 -14.33
CA ASP A 214 -23.25 -5.23 -14.54
C ASP A 214 -21.78 -5.51 -14.86
N PRO A 215 -21.07 -6.32 -14.05
CA PRO A 215 -19.63 -6.54 -14.32
C PRO A 215 -19.30 -7.24 -15.63
N ALA A 216 -20.26 -7.98 -16.22
CA ALA A 216 -20.06 -8.66 -17.51
C ALA A 216 -20.14 -7.64 -18.65
N LYS A 217 -21.09 -6.69 -18.56
CA LYS A 217 -21.22 -5.63 -19.55
C LYS A 217 -20.06 -4.65 -19.45
N VAL A 218 -19.50 -4.42 -18.25
CA VAL A 218 -18.33 -3.54 -18.11
C VAL A 218 -17.13 -4.25 -18.76
N ARG A 219 -16.94 -5.54 -18.48
CA ARG A 219 -15.85 -6.32 -19.06
C ARG A 219 -15.93 -6.34 -20.59
N GLU A 220 -17.13 -6.59 -21.12
CA GLU A 220 -17.42 -6.61 -22.55
C GLU A 220 -17.07 -5.26 -23.19
N ALA A 221 -17.45 -4.16 -22.53
CA ALA A 221 -17.16 -2.80 -22.99
C ALA A 221 -15.68 -2.41 -22.95
N LEU A 222 -14.97 -2.83 -21.89
CA LEU A 222 -13.56 -2.45 -21.74
C LEU A 222 -12.62 -3.23 -22.65
N MET A 223 -13.04 -4.43 -23.11
CA MET A 223 -12.24 -5.34 -23.94
C MET A 223 -11.85 -4.83 -25.34
N GLY A 224 -12.42 -3.73 -25.77
CA GLY A 224 -12.09 -3.16 -27.07
C GLY A 224 -10.94 -2.17 -27.04
N GLY A 225 -10.84 -1.37 -25.96
CA GLY A 225 -9.86 -0.30 -25.82
C GLY A 225 -8.52 -0.62 -25.20
N PHE A 226 -7.93 0.37 -24.50
CA PHE A 226 -6.61 0.24 -23.89
C PHE A 226 -6.56 -0.66 -22.64
N ALA A 227 -7.71 -0.88 -22.00
CA ALA A 227 -7.78 -1.79 -20.86
C ALA A 227 -7.78 -3.29 -21.28
N SER A 228 -7.78 -3.57 -22.60
CA SER A 228 -7.79 -4.92 -23.13
C SER A 228 -6.50 -5.69 -22.80
N SER A 229 -6.68 -6.92 -22.29
CA SER A 229 -5.57 -7.81 -21.95
C SER A 229 -6.02 -9.29 -22.00
N ARG A 230 -5.06 -10.22 -21.97
CA ARG A 230 -5.38 -11.64 -21.92
C ARG A 230 -6.04 -11.95 -20.57
N ILE A 231 -5.60 -11.28 -19.48
CA ILE A 231 -6.15 -11.42 -18.13
C ILE A 231 -7.60 -10.97 -18.09
N LEU A 232 -7.94 -9.83 -18.74
CA LEU A 232 -9.32 -9.33 -18.78
C LEU A 232 -10.19 -10.33 -19.54
N GLU A 233 -9.66 -10.89 -20.62
CA GLU A 233 -10.38 -11.83 -21.45
C GLU A 233 -10.62 -13.15 -20.69
N VAL A 234 -9.57 -13.73 -20.10
CA VAL A 234 -9.72 -15.07 -19.46
C VAL A 234 -10.07 -14.92 -17.97
N HIS A 235 -9.20 -14.32 -17.18
CA HIS A 235 -9.43 -14.24 -15.70
C HIS A 235 -10.67 -13.39 -15.39
N GLY A 236 -10.95 -12.36 -16.18
CA GLY A 236 -12.16 -11.55 -15.99
C GLY A 236 -13.42 -12.39 -16.08
N GLU A 237 -13.51 -13.26 -17.08
CA GLU A 237 -14.67 -14.18 -17.21
C GLU A 237 -14.78 -15.01 -15.93
N ARG A 238 -13.67 -15.55 -15.45
CA ARG A 238 -13.68 -16.38 -14.22
C ARG A 238 -14.29 -15.57 -13.09
N MET A 239 -13.90 -14.31 -12.97
CA MET A 239 -14.38 -13.45 -11.86
C MET A 239 -15.89 -13.21 -12.02
N VAL A 240 -16.36 -13.05 -13.26
CA VAL A 240 -17.78 -12.82 -13.48
C VAL A 240 -18.61 -14.10 -13.30
N LYS A 241 -18.16 -15.19 -13.92
CA LYS A 241 -18.96 -16.45 -13.88
C LYS A 241 -18.74 -17.19 -12.56
N GLY A 242 -17.62 -16.96 -11.89
CA GLY A 242 -17.34 -17.56 -10.60
C GLY A 242 -16.66 -18.92 -10.68
N THR A 243 -15.85 -19.09 -11.72
CA THR A 243 -15.17 -20.37 -11.98
C THR A 243 -13.71 -20.25 -11.54
N PHE A 244 -13.41 -20.65 -10.30
CA PHE A 244 -12.04 -20.43 -9.76
C PHE A 244 -11.36 -21.76 -9.47
N ASP A 245 -11.95 -22.87 -9.93
CA ASP A 245 -11.33 -24.19 -9.72
C ASP A 245 -9.86 -24.10 -10.13
N PRO A 246 -8.92 -24.60 -9.32
CA PRO A 246 -7.50 -24.46 -9.57
C PRO A 246 -6.98 -24.67 -11.00
N GLY A 247 -6.12 -23.78 -11.45
CA GLY A 247 -5.42 -23.90 -12.74
C GLY A 247 -4.05 -23.37 -12.39
N PHE A 248 -4.00 -22.18 -11.79
CA PHE A 248 -2.74 -21.65 -11.25
C PHE A 248 -3.03 -21.28 -9.79
N ARG A 249 -2.69 -22.19 -8.88
CA ARG A 249 -2.98 -21.98 -7.45
C ARG A 249 -2.42 -20.65 -6.94
N ILE A 250 -3.13 -20.03 -6.00
CA ILE A 250 -2.64 -18.78 -5.37
C ILE A 250 -1.35 -19.11 -4.63
N SER A 251 -1.30 -20.29 -4.00
CA SER A 251 -0.08 -20.74 -3.29
C SER A 251 1.16 -20.60 -4.19
N LEU A 252 1.01 -20.98 -5.46
CA LEU A 252 2.14 -20.92 -6.42
C LEU A 252 2.49 -19.46 -6.68
N HIS A 253 1.49 -18.64 -6.97
CA HIS A 253 1.74 -17.21 -7.30
C HIS A 253 2.36 -16.51 -6.09
N GLN A 254 2.05 -16.98 -4.89
CA GLN A 254 2.65 -16.39 -3.67
C GLN A 254 4.15 -16.69 -3.64
N LYS A 255 4.54 -17.89 -4.09
CA LYS A 255 5.94 -18.26 -4.12
C LYS A 255 6.64 -17.38 -5.15
N ASP A 256 6.04 -17.23 -6.33
CA ASP A 256 6.56 -16.41 -7.42
C ASP A 256 6.66 -14.93 -7.02
N LEU A 257 5.68 -14.42 -6.29
CA LEU A 257 5.72 -13.01 -5.83
C LEU A 257 6.80 -12.83 -4.76
N ASN A 258 7.05 -13.87 -3.97
CA ASN A 258 8.08 -13.80 -2.91
C ASN A 258 9.45 -13.71 -3.57
N LEU A 259 9.63 -14.39 -4.71
CA LEU A 259 10.88 -14.30 -5.46
C LEU A 259 11.06 -12.81 -5.88
N ALA A 260 9.99 -12.19 -6.40
CA ALA A 260 10.02 -10.79 -6.79
C ALA A 260 10.32 -9.88 -5.60
N LEU A 261 9.69 -10.14 -4.47
CA LEU A 261 9.86 -9.21 -3.32
C LEU A 261 11.24 -9.41 -2.67
N ALA A 262 11.78 -10.63 -2.70
CA ALA A 262 13.13 -10.85 -2.16
C ALA A 262 14.16 -10.08 -3.00
N GLY A 263 14.01 -10.15 -4.33
CA GLY A 263 14.88 -9.43 -5.25
C GLY A 263 14.79 -7.93 -5.06
N ALA A 264 13.59 -7.43 -4.79
CA ALA A 264 13.35 -6.02 -4.53
C ALA A 264 14.06 -5.59 -3.23
N ARG A 265 14.03 -6.43 -2.20
CA ARG A 265 14.71 -6.11 -0.92
C ARG A 265 16.23 -6.14 -1.10
N GLU A 266 16.72 -7.07 -1.91
CA GLU A 266 18.15 -7.22 -2.18
C GLU A 266 18.70 -6.11 -3.09
N LEU A 267 17.95 -5.74 -4.14
CA LEU A 267 18.40 -4.72 -5.10
C LEU A 267 17.78 -3.32 -4.90
N ASN A 268 17.14 -3.08 -3.72
CA ASN A 268 16.53 -1.80 -3.29
C ASN A 268 15.45 -1.26 -4.24
N LEU A 269 14.38 -2.04 -4.45
CA LEU A 269 13.27 -1.64 -5.29
C LEU A 269 12.03 -1.38 -4.44
N ASN A 270 11.35 -0.28 -4.74
CA ASN A 270 10.11 0.05 -4.08
C ASN A 270 9.02 -0.28 -5.12
N LEU A 271 8.37 -1.43 -4.93
CA LEU A 271 7.35 -1.95 -5.83
C LEU A 271 6.12 -2.07 -4.95
N PRO A 272 5.34 -0.99 -4.84
CA PRO A 272 4.21 -1.02 -3.89
C PRO A 272 3.03 -1.91 -4.29
N ASN A 273 2.78 -2.07 -5.59
CA ASN A 273 1.66 -2.91 -6.02
C ASN A 273 1.99 -4.40 -5.89
N THR A 274 3.22 -4.80 -6.16
CA THR A 274 3.61 -6.22 -5.96
C THR A 274 3.51 -6.54 -4.47
N ALA A 275 4.02 -5.64 -3.63
CA ALA A 275 3.97 -5.84 -2.17
C ALA A 275 2.52 -6.04 -1.69
N ASN A 276 1.58 -5.29 -2.25
CA ASN A 276 0.18 -5.38 -1.78
C ASN A 276 -0.51 -6.63 -2.34
N ALA A 277 -0.17 -7.02 -3.56
CA ALA A 277 -0.77 -8.23 -4.19
C ALA A 277 -0.54 -9.43 -3.27
N GLN A 278 0.66 -9.52 -2.70
CA GLN A 278 1.00 -10.65 -1.80
C GLN A 278 0.08 -10.60 -0.58
N GLN A 279 -0.12 -9.41 -0.03
CA GLN A 279 -1.02 -9.23 1.13
C GLN A 279 -2.44 -9.72 0.76
N VAL A 280 -2.94 -9.32 -0.40
CA VAL A 280 -4.33 -9.69 -0.80
C VAL A 280 -4.39 -11.22 -0.97
N PHE A 281 -3.31 -11.82 -1.46
CA PHE A 281 -3.26 -13.29 -1.63
C PHE A 281 -3.33 -13.94 -0.24
N SER A 282 -2.67 -13.34 0.74
CA SER A 282 -2.70 -13.86 2.13
C SER A 282 -4.13 -13.78 2.66
N THR A 283 -4.90 -12.77 2.24
CA THR A 283 -6.33 -12.69 2.64
C THR A 283 -7.07 -13.87 2.00
N CYS A 284 -6.75 -14.17 0.74
CA CYS A 284 -7.39 -15.29 0.03
C CYS A 284 -7.09 -16.61 0.74
N ALA A 285 -5.84 -16.83 1.12
CA ALA A 285 -5.45 -18.07 1.83
C ALA A 285 -6.16 -18.10 3.19
N ALA A 286 -6.21 -16.96 3.86
CA ALA A 286 -6.86 -16.85 5.17
C ALA A 286 -8.34 -17.26 5.12
N ILE A 287 -9.00 -17.06 3.98
CA ILE A 287 -10.40 -17.44 3.82
C ILE A 287 -10.56 -18.84 3.16
N GLY A 288 -9.49 -19.64 3.14
CA GLY A 288 -9.51 -20.99 2.61
C GLY A 288 -9.14 -21.17 1.16
N GLY A 289 -8.52 -20.16 0.58
CA GLY A 289 -8.19 -20.21 -0.84
C GLY A 289 -6.77 -20.42 -1.34
N SER A 290 -5.92 -21.17 -0.63
CA SER A 290 -4.56 -21.47 -1.11
C SER A 290 -4.59 -22.20 -2.44
N ASN A 291 -5.60 -23.05 -2.67
CA ASN A 291 -5.62 -23.88 -3.90
C ASN A 291 -6.51 -23.29 -4.99
N TRP A 292 -7.09 -22.10 -4.78
CA TRP A 292 -7.95 -21.46 -5.79
C TRP A 292 -7.11 -20.96 -6.97
N ASP A 293 -7.73 -20.82 -8.15
CA ASP A 293 -7.02 -20.22 -9.30
C ASP A 293 -6.67 -18.78 -8.93
N HIS A 294 -5.65 -18.20 -9.56
CA HIS A 294 -5.21 -16.84 -9.15
C HIS A 294 -6.31 -15.82 -9.47
N SER A 295 -7.23 -16.18 -10.36
CA SER A 295 -8.37 -15.29 -10.70
C SER A 295 -9.18 -15.01 -9.44
N ALA A 296 -9.09 -15.91 -8.46
CA ALA A 296 -9.89 -15.77 -7.22
C ALA A 296 -9.35 -14.65 -6.34
N LEU A 297 -8.29 -13.96 -6.76
CA LEU A 297 -7.81 -12.79 -5.99
C LEU A 297 -9.02 -11.88 -5.73
N ILE A 298 -9.93 -11.81 -6.69
CA ILE A 298 -11.16 -10.97 -6.53
C ILE A 298 -11.83 -11.32 -5.20
N LYS A 299 -11.90 -12.60 -4.87
CA LYS A 299 -12.63 -13.03 -3.64
C LYS A 299 -11.95 -12.42 -2.41
N GLY A 300 -10.65 -12.15 -2.49
CA GLY A 300 -9.98 -11.47 -1.36
C GLY A 300 -10.45 -10.04 -1.23
N LEU A 301 -10.58 -9.35 -2.37
CA LEU A 301 -11.08 -7.95 -2.37
C LEU A 301 -12.56 -7.95 -2.03
N GLU A 302 -13.31 -8.93 -2.51
CA GLU A 302 -14.74 -9.05 -2.23
C GLU A 302 -14.97 -9.25 -0.73
N HIS A 303 -14.06 -9.98 -0.06
CA HIS A 303 -14.11 -10.18 1.39
C HIS A 303 -13.77 -8.85 2.10
N MET A 304 -12.79 -8.10 1.56
CA MET A 304 -12.36 -6.80 2.06
C MET A 304 -13.45 -5.69 1.88
N ALA A 305 -14.40 -5.91 0.95
CA ALA A 305 -15.50 -4.96 0.71
C ALA A 305 -16.83 -5.53 1.21
N ASN A 306 -16.85 -6.74 1.76
CA ASN A 306 -18.11 -7.39 2.22
C ASN A 306 -19.11 -7.37 1.06
N PHE A 307 -18.62 -7.54 -0.16
CA PHE A 307 -19.51 -7.46 -1.35
C PHE A 307 -18.97 -8.34 -2.48
N SER A 308 -19.84 -9.17 -3.05
CA SER A 308 -19.50 -10.05 -4.15
C SER A 308 -20.02 -9.47 -5.47
N ILE A 309 -19.23 -9.58 -6.54
CA ILE A 309 -19.69 -9.12 -7.85
C ILE A 309 -20.62 -10.18 -8.53
N ARG A 310 -21.10 -11.19 -7.76
CA ARG A 310 -21.92 -12.28 -8.24
C ARG A 310 -23.19 -12.49 -7.37
N ASP A 311 -23.90 -13.65 -7.58
CA ASP A 311 -25.09 -14.16 -6.89
C ASP A 311 -26.22 -13.14 -6.84
N MET B 17 -31.31 13.16 -39.36
CA MET B 17 -30.55 14.38 -39.09
C MET B 17 -31.29 15.24 -38.07
N ALA B 18 -30.62 15.57 -36.96
CA ALA B 18 -31.25 16.30 -35.87
C ALA B 18 -30.51 17.59 -35.43
N LYS B 19 -31.20 18.46 -34.70
CA LYS B 19 -30.55 19.68 -34.17
C LYS B 19 -29.73 19.23 -32.95
N ILE B 20 -28.47 19.62 -32.90
CA ILE B 20 -27.59 19.16 -31.79
C ILE B 20 -26.89 20.35 -31.15
N GLY B 21 -26.99 20.46 -29.83
CA GLY B 21 -26.23 21.50 -29.12
C GLY B 21 -24.94 20.86 -28.61
N PHE B 22 -23.90 21.66 -28.37
CA PHE B 22 -22.64 21.12 -27.84
C PHE B 22 -22.02 22.11 -26.86
N ILE B 23 -22.23 21.90 -25.56
CA ILE B 23 -21.60 22.79 -24.53
C ILE B 23 -20.24 22.19 -24.19
N GLY B 24 -19.18 22.90 -24.54
CA GLY B 24 -17.81 22.39 -24.30
C GLY B 24 -17.09 22.11 -25.61
N THR B 25 -16.96 23.13 -26.45
CA THR B 25 -16.31 22.95 -27.77
C THR B 25 -14.83 23.25 -27.62
N GLY B 26 -14.11 22.40 -26.89
CA GLY B 26 -12.68 22.64 -26.65
C GLY B 26 -11.81 21.65 -27.39
N ILE B 27 -10.74 21.20 -26.75
CA ILE B 27 -9.77 20.29 -27.41
C ILE B 27 -10.47 19.06 -27.98
N MET B 28 -11.41 18.47 -27.24
CA MET B 28 -12.05 17.22 -27.71
C MET B 28 -13.47 17.53 -28.20
N GLY B 29 -13.99 18.70 -27.84
CA GLY B 29 -15.37 19.05 -28.20
C GLY B 29 -15.47 19.64 -29.59
N LYS B 30 -14.80 20.78 -29.81
CA LYS B 30 -14.81 21.42 -31.15
C LYS B 30 -14.59 20.32 -32.21
N PRO B 31 -13.50 19.55 -32.16
CA PRO B 31 -13.32 18.45 -33.10
C PRO B 31 -14.57 17.58 -33.16
N MET B 32 -15.19 17.28 -32.02
CA MET B 32 -16.33 16.34 -32.01
C MET B 32 -17.53 16.99 -32.70
N ALA B 33 -17.74 18.27 -32.46
CA ALA B 33 -18.83 18.96 -33.18
C ALA B 33 -18.54 18.87 -34.69
N GLN B 34 -17.28 18.96 -35.06
CA GLN B 34 -16.95 18.98 -36.51
C GLN B 34 -17.45 17.67 -37.13
N ASN B 35 -17.07 16.53 -36.56
CA ASN B 35 -17.44 15.25 -37.21
C ASN B 35 -18.95 15.01 -37.04
N LEU B 36 -19.66 15.94 -36.41
CA LEU B 36 -21.14 15.82 -36.27
C LEU B 36 -21.77 16.62 -37.41
N GLN B 37 -21.37 17.89 -37.57
CA GLN B 37 -21.86 18.70 -38.71
C GLN B 37 -21.61 17.87 -39.96
N LYS B 38 -20.40 17.37 -40.11
CA LYS B 38 -19.97 16.53 -41.22
C LYS B 38 -21.04 15.49 -41.54
N ALA B 39 -21.65 14.91 -40.50
CA ALA B 39 -22.69 13.89 -40.68
C ALA B 39 -24.03 14.45 -41.22
N GLY B 40 -24.22 15.76 -41.13
CA GLY B 40 -25.43 16.41 -41.63
C GLY B 40 -26.34 16.99 -40.57
N HIS B 41 -25.80 17.25 -39.37
CA HIS B 41 -26.59 17.79 -38.26
C HIS B 41 -26.33 19.27 -38.08
N SER B 42 -27.36 19.99 -37.63
CA SER B 42 -27.21 21.44 -37.36
C SER B 42 -26.76 21.61 -35.90
N LEU B 43 -25.63 22.28 -35.69
CA LEU B 43 -25.09 22.40 -34.30
C LEU B 43 -25.41 23.78 -33.73
N PHE B 44 -25.79 23.84 -32.45
CA PHE B 44 -26.03 25.14 -31.78
C PHE B 44 -25.02 25.29 -30.64
N LEU B 45 -24.47 26.49 -30.44
CA LEU B 45 -23.38 26.69 -29.45
C LEU B 45 -23.80 27.70 -28.39
N SER B 46 -23.00 27.83 -27.32
CA SER B 46 -23.32 28.79 -26.23
C SER B 46 -22.17 29.79 -25.99
N THR B 47 -22.52 31.06 -25.78
CA THR B 47 -21.55 32.14 -25.53
C THR B 47 -21.72 32.75 -24.13
N HIS B 48 -22.18 31.96 -23.16
CA HIS B 48 -22.38 32.45 -21.79
C HIS B 48 -21.05 32.66 -21.06
N HIS B 49 -20.02 31.87 -21.39
CA HIS B 49 -18.70 31.98 -20.76
C HIS B 49 -17.62 32.26 -21.81
N ASP B 50 -17.55 31.40 -22.85
CA ASP B 50 -16.54 31.49 -23.89
C ASP B 50 -17.09 32.02 -25.23
N ALA B 51 -16.20 32.26 -26.21
CA ALA B 51 -16.60 32.73 -27.52
C ALA B 51 -16.80 31.54 -28.48
N ALA B 52 -17.73 31.67 -29.44
CA ALA B 52 -18.02 30.61 -30.39
C ALA B 52 -16.89 30.43 -31.42
N PRO B 53 -16.37 29.21 -31.56
CA PRO B 53 -15.26 28.96 -32.50
C PRO B 53 -15.45 29.38 -33.96
N ALA B 54 -14.34 29.47 -34.69
CA ALA B 54 -14.32 29.89 -36.08
C ALA B 54 -14.76 28.78 -37.06
N ASP B 55 -14.14 27.59 -37.02
CA ASP B 55 -14.48 26.49 -37.93
C ASP B 55 -15.83 25.80 -37.61
N LEU B 56 -16.59 26.34 -36.65
CA LEU B 56 -17.89 25.78 -36.31
C LEU B 56 -18.96 26.73 -36.78
N LEU B 57 -18.85 28.02 -36.40
CA LEU B 57 -19.80 29.07 -36.76
C LEU B 57 -19.91 29.24 -38.27
N GLU B 58 -18.79 29.08 -38.99
CA GLU B 58 -18.76 29.19 -40.44
C GLU B 58 -19.34 27.93 -41.07
N ALA B 59 -18.91 26.75 -40.60
CA ALA B 59 -19.38 25.49 -41.18
C ALA B 59 -20.81 25.07 -40.81
N GLY B 60 -21.59 26.01 -40.25
CA GLY B 60 -22.98 25.77 -39.89
C GLY B 60 -23.27 25.68 -38.40
N ALA B 61 -23.23 26.81 -37.68
CA ALA B 61 -23.55 26.81 -36.26
C ALA B 61 -24.26 28.09 -35.83
N ILE B 62 -25.10 28.00 -34.79
CA ILE B 62 -25.84 29.17 -34.32
C ILE B 62 -25.48 29.56 -32.88
N ALA B 63 -24.92 30.75 -32.71
CA ALA B 63 -24.50 31.24 -31.39
C ALA B 63 -25.70 31.60 -30.53
N LEU B 64 -25.63 31.28 -29.23
CA LEU B 64 -26.73 31.60 -28.32
C LEU B 64 -26.25 32.23 -27.02
N ALA B 65 -27.15 32.88 -26.31
CA ALA B 65 -26.76 33.60 -25.06
C ALA B 65 -26.48 32.61 -23.93
N ASN B 66 -27.24 31.51 -23.86
CA ASN B 66 -27.08 30.59 -22.71
C ASN B 66 -27.32 29.16 -23.16
N PRO B 67 -26.92 28.15 -22.36
CA PRO B 67 -27.19 26.76 -22.68
C PRO B 67 -28.69 26.44 -22.63
N LYS B 68 -29.48 27.27 -21.94
CA LYS B 68 -30.94 27.08 -21.91
C LYS B 68 -31.47 27.19 -23.34
N GLU B 69 -31.28 28.36 -23.96
CA GLU B 69 -31.71 28.57 -25.36
C GLU B 69 -31.20 27.41 -26.21
N VAL B 70 -29.93 27.05 -26.04
CA VAL B 70 -29.36 25.95 -26.81
C VAL B 70 -30.22 24.69 -26.64
N ALA B 71 -30.59 24.39 -25.37
CA ALA B 71 -31.43 23.23 -25.04
C ALA B 71 -32.84 23.41 -25.62
N GLN B 72 -33.37 24.64 -25.56
CA GLN B 72 -34.69 25.01 -26.09
C GLN B 72 -34.81 24.72 -27.58
N GLU B 73 -33.74 25.01 -28.36
CA GLU B 73 -33.75 24.80 -29.80
C GLU B 73 -33.32 23.38 -30.23
N ALA B 74 -32.24 22.89 -29.64
CA ALA B 74 -31.69 21.57 -30.02
C ALA B 74 -32.51 20.41 -29.45
N GLU B 75 -32.42 19.25 -30.09
CA GLU B 75 -33.11 18.04 -29.60
C GLU B 75 -32.12 17.30 -28.70
N PHE B 76 -30.96 16.96 -29.26
CA PHE B 76 -29.89 16.33 -28.45
C PHE B 76 -28.98 17.45 -27.95
N ILE B 77 -28.72 17.49 -26.64
CA ILE B 77 -27.81 18.53 -26.07
C ILE B 77 -26.61 17.83 -25.44
N ILE B 78 -25.43 17.94 -26.07
CA ILE B 78 -24.23 17.20 -25.59
C ILE B 78 -23.38 18.11 -24.71
N VAL B 79 -22.82 17.55 -23.63
CA VAL B 79 -21.96 18.33 -22.70
C VAL B 79 -20.58 17.67 -22.61
N MET B 80 -19.51 18.45 -22.76
CA MET B 80 -18.13 17.94 -22.62
C MET B 80 -17.33 18.98 -21.83
N VAL B 81 -17.28 18.83 -20.52
CA VAL B 81 -16.60 19.85 -19.66
C VAL B 81 -15.55 19.13 -18.79
N PRO B 82 -14.54 19.83 -18.23
CA PRO B 82 -13.45 19.14 -17.49
C PRO B 82 -13.80 18.23 -16.30
N ASP B 83 -14.62 18.67 -15.33
CA ASP B 83 -14.89 17.87 -14.14
C ASP B 83 -16.35 17.93 -13.67
N THR B 84 -16.70 17.13 -12.63
CA THR B 84 -18.03 17.07 -12.03
C THR B 84 -18.62 18.45 -11.75
N PRO B 85 -17.89 19.37 -11.06
CA PRO B 85 -18.47 20.71 -10.80
C PRO B 85 -18.92 21.46 -12.06
N GLN B 86 -18.14 21.36 -13.17
CA GLN B 86 -18.48 22.01 -14.42
C GLN B 86 -19.75 21.41 -15.07
N VAL B 87 -20.03 20.10 -14.86
CA VAL B 87 -21.23 19.46 -15.39
C VAL B 87 -22.43 20.02 -14.62
N GLU B 88 -22.33 20.06 -13.27
CA GLU B 88 -23.41 20.59 -12.45
C GLU B 88 -23.71 22.05 -12.80
N ASP B 89 -22.68 22.88 -13.01
CA ASP B 89 -22.89 24.28 -13.33
C ASP B 89 -23.61 24.46 -14.65
N VAL B 90 -23.10 23.89 -15.75
CA VAL B 90 -23.76 24.04 -17.03
C VAL B 90 -25.20 23.45 -17.03
N LEU B 91 -25.48 22.46 -16.17
CA LEU B 91 -26.80 21.86 -16.10
C LEU B 91 -27.79 22.72 -15.34
N PHE B 92 -27.45 23.06 -14.10
CA PHE B 92 -28.46 23.72 -13.23
C PHE B 92 -28.15 25.19 -12.93
N ARG B 93 -27.33 25.84 -13.75
CA ARG B 93 -27.09 27.29 -13.55
C ARG B 93 -28.31 28.06 -14.02
N LYS B 94 -28.52 29.27 -13.50
CA LYS B 94 -29.62 30.09 -14.04
C LYS B 94 -29.38 30.23 -15.53
N ASP B 95 -30.35 29.85 -16.36
CA ASP B 95 -30.15 29.87 -17.82
C ASP B 95 -29.23 28.70 -18.18
N GLY B 96 -29.53 27.53 -17.64
CA GLY B 96 -28.72 26.33 -17.94
C GLY B 96 -29.50 25.29 -18.70
N ILE B 97 -28.85 24.20 -19.09
CA ILE B 97 -29.53 23.15 -19.91
C ILE B 97 -30.87 22.77 -19.29
N ALA B 98 -30.95 22.70 -17.96
CA ALA B 98 -32.19 22.25 -17.29
C ALA B 98 -33.37 23.18 -17.64
N GLU B 99 -33.21 24.47 -17.42
CA GLU B 99 -34.29 25.46 -17.68
C GLU B 99 -34.81 25.33 -19.11
N GLY B 100 -33.98 24.86 -20.05
CA GLY B 100 -34.38 24.77 -21.45
C GLY B 100 -34.73 23.36 -21.88
N ALA B 101 -34.46 22.38 -21.03
CA ALA B 101 -34.79 20.99 -21.34
C ALA B 101 -36.25 20.74 -21.10
N GLY B 102 -36.83 19.91 -21.96
CA GLY B 102 -38.23 19.55 -21.87
C GLY B 102 -38.54 18.24 -22.56
N PRO B 103 -39.83 17.87 -22.72
CA PRO B 103 -40.15 16.58 -23.31
C PRO B 103 -39.56 16.37 -24.71
N ASN B 104 -39.14 15.14 -25.01
CA ASN B 104 -38.58 14.79 -26.34
C ASN B 104 -37.19 15.41 -26.55
N LYS B 105 -36.57 15.95 -25.50
CA LYS B 105 -35.19 16.45 -25.62
C LYS B 105 -34.26 15.50 -24.85
N VAL B 106 -33.00 15.40 -25.24
CA VAL B 106 -32.10 14.40 -24.59
C VAL B 106 -30.75 15.05 -24.23
N VAL B 107 -30.41 15.05 -22.95
CA VAL B 107 -29.09 15.60 -22.51
C VAL B 107 -28.08 14.45 -22.53
N ILE B 108 -27.00 14.64 -23.28
CA ILE B 108 -25.93 13.60 -23.33
C ILE B 108 -24.68 14.16 -22.65
N ASP B 109 -24.39 13.67 -21.44
CA ASP B 109 -23.15 14.10 -20.74
C ASP B 109 -22.00 13.25 -21.26
N MET B 110 -21.14 13.87 -22.06
CA MET B 110 -20.00 13.14 -22.59
C MET B 110 -18.71 13.38 -21.77
N SER B 111 -18.78 14.13 -20.66
CA SER B 111 -17.65 14.37 -19.77
C SER B 111 -17.40 13.11 -18.92
N SER B 112 -16.23 13.02 -18.28
CA SER B 112 -15.86 11.91 -17.41
C SER B 112 -15.86 12.43 -15.98
N ILE B 113 -16.99 12.20 -15.28
CA ILE B 113 -17.24 12.74 -13.96
C ILE B 113 -17.74 11.67 -12.97
N SER B 114 -18.04 12.04 -11.70
CA SER B 114 -18.54 11.14 -10.66
C SER B 114 -19.82 10.39 -11.07
N PRO B 115 -19.79 9.04 -11.00
CA PRO B 115 -20.99 8.27 -11.34
C PRO B 115 -22.14 8.53 -10.36
N THR B 116 -21.82 8.75 -9.09
CA THR B 116 -22.83 8.99 -8.07
C THR B 116 -23.51 10.34 -8.32
N ALA B 117 -22.70 11.36 -8.65
CA ALA B 117 -23.19 12.69 -8.98
C ALA B 117 -24.08 12.60 -10.23
N THR B 118 -23.64 11.82 -11.24
CA THR B 118 -24.34 11.55 -12.50
C THR B 118 -25.77 11.06 -12.27
N LYS B 119 -25.97 10.11 -11.36
CA LYS B 119 -27.30 9.57 -11.07
C LYS B 119 -28.26 10.64 -10.51
N GLY B 120 -27.71 11.57 -9.74
CA GLY B 120 -28.51 12.65 -9.18
C GLY B 120 -28.86 13.68 -10.24
N PHE B 121 -27.92 13.94 -11.19
CA PHE B 121 -28.08 14.86 -12.31
C PHE B 121 -29.11 14.30 -13.29
N ALA B 122 -29.07 12.99 -13.56
CA ALA B 122 -30.02 12.36 -14.47
C ALA B 122 -31.45 12.50 -13.95
N GLU B 123 -31.62 12.36 -12.63
CA GLU B 123 -32.90 12.45 -11.95
C GLU B 123 -33.53 13.86 -12.05
N LYS B 124 -32.70 14.91 -11.91
CA LYS B 124 -33.17 16.29 -12.00
C LYS B 124 -33.52 16.66 -13.44
N ILE B 125 -32.76 16.15 -14.41
CA ILE B 125 -33.02 16.36 -15.83
C ILE B 125 -34.34 15.69 -16.27
N LYS B 126 -34.68 14.54 -15.67
CA LYS B 126 -35.93 13.83 -15.98
C LYS B 126 -37.17 14.54 -15.41
N ALA B 127 -36.98 15.37 -14.36
CA ALA B 127 -38.07 16.14 -13.76
C ALA B 127 -38.60 17.25 -14.73
N THR B 128 -37.81 17.59 -15.77
CA THR B 128 -38.24 18.54 -16.79
C THR B 128 -39.00 17.86 -17.96
N GLY B 129 -39.08 16.53 -17.94
CA GLY B 129 -39.67 15.73 -19.01
C GLY B 129 -38.60 15.20 -19.96
N ALA B 130 -37.40 15.79 -19.89
CA ALA B 130 -36.30 15.41 -20.78
C ALA B 130 -35.61 14.12 -20.31
N GLN B 131 -34.84 13.51 -21.21
CA GLN B 131 -34.14 12.24 -20.87
C GLN B 131 -32.64 12.54 -20.73
N TYR B 132 -31.88 11.61 -20.18
CA TYR B 132 -30.44 11.87 -19.91
C TYR B 132 -29.61 10.65 -20.28
N LEU B 133 -28.44 10.89 -20.88
CA LEU B 133 -27.52 9.79 -21.21
C LEU B 133 -26.12 10.14 -20.71
N ASP B 134 -25.47 9.25 -19.98
CA ASP B 134 -24.06 9.48 -19.57
C ASP B 134 -23.17 8.76 -20.59
N ALA B 135 -22.52 9.50 -21.49
CA ALA B 135 -21.68 8.83 -22.48
C ALA B 135 -20.22 9.30 -22.40
N PRO B 136 -19.48 8.99 -21.31
CA PRO B 136 -18.08 9.35 -21.21
C PRO B 136 -17.29 8.67 -22.33
N VAL B 137 -16.23 9.32 -22.78
CA VAL B 137 -15.44 8.77 -23.92
C VAL B 137 -14.10 8.25 -23.37
N SER B 138 -13.67 7.07 -23.81
CA SER B 138 -12.39 6.49 -23.35
C SER B 138 -11.24 7.02 -24.23
N GLY B 139 -11.48 7.14 -25.54
CA GLY B 139 -10.44 7.61 -26.47
C GLY B 139 -9.91 8.99 -26.14
N GLY B 140 -8.88 9.44 -26.85
CA GLY B 140 -8.28 10.77 -26.60
C GLY B 140 -8.32 11.61 -27.85
N GLU B 141 -7.47 12.65 -27.95
CA GLU B 141 -7.61 13.51 -29.13
C GLU B 141 -7.37 12.75 -30.46
N VAL B 142 -6.74 11.56 -30.39
CA VAL B 142 -6.53 10.63 -31.50
C VAL B 142 -7.89 9.98 -31.97
N GLY B 143 -8.90 10.02 -31.10
CA GLY B 143 -10.24 9.54 -31.40
C GLY B 143 -11.19 10.71 -31.59
N ALA B 144 -10.93 11.83 -30.88
CA ALA B 144 -11.78 13.02 -30.92
C ALA B 144 -11.84 13.66 -32.30
N LYS B 145 -10.68 13.87 -32.95
CA LYS B 145 -10.67 14.44 -34.28
C LYS B 145 -10.98 13.33 -35.27
N ALA B 146 -10.27 12.20 -35.18
CA ALA B 146 -10.45 11.08 -36.11
C ALA B 146 -11.76 10.31 -35.98
N ALA B 147 -12.70 10.79 -35.15
CA ALA B 147 -14.01 10.17 -34.93
C ALA B 147 -13.94 8.65 -34.65
N THR B 148 -12.98 8.24 -33.79
CA THR B 148 -12.80 6.84 -33.45
C THR B 148 -12.74 6.61 -31.90
N LEU B 149 -13.37 7.52 -31.13
CA LEU B 149 -13.46 7.44 -29.67
C LEU B 149 -14.24 6.24 -29.19
N SER B 150 -13.88 5.77 -28.00
CA SER B 150 -14.68 4.69 -27.38
C SER B 150 -15.77 5.35 -26.53
N ILE B 151 -17.00 4.87 -26.62
CA ILE B 151 -18.10 5.49 -25.87
C ILE B 151 -18.89 4.48 -25.02
N MET B 152 -18.97 4.77 -23.72
CA MET B 152 -19.68 3.89 -22.77
C MET B 152 -20.91 4.64 -22.28
N VAL B 153 -22.09 4.11 -22.55
CA VAL B 153 -23.33 4.84 -22.30
C VAL B 153 -24.19 4.26 -21.18
N GLY B 154 -24.73 5.16 -20.37
CA GLY B 154 -25.66 4.84 -19.31
C GLY B 154 -26.96 5.56 -19.60
N GLY B 155 -28.05 4.82 -19.59
CA GLY B 155 -29.39 5.36 -19.83
C GLY B 155 -30.38 4.31 -20.31
N CYS B 156 -31.64 4.72 -20.54
CA CYS B 156 -32.66 3.77 -21.02
C CYS B 156 -32.42 3.39 -22.50
N PRO B 157 -32.77 2.14 -22.92
CA PRO B 157 -32.48 1.74 -24.30
C PRO B 157 -33.20 2.61 -25.32
N ASN B 158 -34.44 2.99 -25.05
CA ASN B 158 -35.13 3.90 -25.99
C ASN B 158 -34.25 5.12 -26.30
N THR B 159 -33.83 5.85 -25.25
CA THR B 159 -33.04 7.08 -25.45
C THR B 159 -31.72 6.76 -26.16
N PHE B 160 -31.08 5.66 -25.79
CA PHE B 160 -29.77 5.33 -26.39
C PHE B 160 -29.95 5.17 -27.90
N GLU B 161 -31.04 4.51 -28.31
CA GLU B 161 -31.30 4.31 -29.77
C GLU B 161 -31.30 5.67 -30.45
N ARG B 162 -32.04 6.63 -29.90
CA ARG B 162 -32.13 7.98 -30.51
C ARG B 162 -30.72 8.57 -30.70
N ALA B 163 -29.87 8.48 -29.67
CA ALA B 163 -28.54 9.13 -29.75
C ALA B 163 -27.50 8.19 -30.37
N LEU B 164 -27.87 6.92 -30.57
CA LEU B 164 -26.94 5.97 -31.18
C LEU B 164 -26.28 6.49 -32.47
N PRO B 165 -27.01 7.06 -33.48
CA PRO B 165 -26.32 7.53 -34.69
C PRO B 165 -25.40 8.71 -34.46
N LEU B 166 -25.69 9.52 -33.45
CA LEU B 166 -24.87 10.68 -33.09
C LEU B 166 -23.52 10.23 -32.58
N PHE B 167 -23.50 9.15 -31.78
CA PHE B 167 -22.26 8.61 -31.24
C PHE B 167 -21.40 8.07 -32.38
N GLN B 168 -22.01 7.40 -33.36
CA GLN B 168 -21.33 6.83 -34.53
C GLN B 168 -20.57 7.90 -35.34
N ALA B 169 -21.04 9.15 -35.30
CA ALA B 169 -20.39 10.26 -35.99
C ALA B 169 -19.12 10.74 -35.28
N MET B 170 -18.93 10.39 -33.99
CA MET B 170 -17.75 10.79 -33.20
C MET B 170 -16.89 9.63 -32.72
N GLY B 171 -17.37 8.39 -32.82
CA GLY B 171 -16.63 7.23 -32.35
C GLY B 171 -17.11 5.89 -32.87
N LYS B 172 -16.40 4.80 -32.55
CA LYS B 172 -16.78 3.48 -33.04
C LYS B 172 -17.02 2.40 -31.95
N ASN B 173 -16.21 2.36 -30.87
CA ASN B 173 -16.41 1.34 -29.82
C ASN B 173 -17.52 1.77 -28.83
N ILE B 174 -18.77 1.88 -29.35
CA ILE B 174 -19.95 2.30 -28.59
C ILE B 174 -20.62 1.13 -27.87
N THR B 175 -20.94 1.29 -26.58
CA THR B 175 -21.58 0.23 -25.79
C THR B 175 -22.60 0.79 -24.78
N ARG B 176 -23.69 0.06 -24.54
CA ARG B 176 -24.66 0.45 -23.52
C ARG B 176 -24.29 -0.39 -22.29
N VAL B 177 -23.86 0.26 -21.21
CA VAL B 177 -23.42 -0.44 -20.01
C VAL B 177 -24.60 -0.80 -19.09
N GLY B 178 -25.59 0.09 -19.03
CA GLY B 178 -26.77 -0.09 -18.21
C GLY B 178 -27.52 1.20 -18.02
N GLY B 179 -28.22 1.33 -16.89
CA GLY B 179 -28.99 2.52 -16.54
C GLY B 179 -28.14 3.74 -16.26
N ASN B 180 -28.76 4.90 -16.02
CA ASN B 180 -28.01 6.14 -15.77
C ASN B 180 -27.01 6.01 -14.62
N GLY B 181 -25.76 6.32 -14.93
CA GLY B 181 -24.64 6.20 -14.00
C GLY B 181 -23.70 5.06 -14.36
N ASP B 182 -24.14 4.13 -15.25
CA ASP B 182 -23.32 2.97 -15.64
C ASP B 182 -22.28 3.27 -16.71
N GLY B 183 -22.47 4.34 -17.47
CA GLY B 183 -21.48 4.74 -18.46
C GLY B 183 -20.28 5.36 -17.76
N GLN B 184 -20.53 6.23 -16.77
CA GLN B 184 -19.46 6.86 -15.99
C GLN B 184 -18.73 5.81 -15.15
N THR B 185 -19.46 4.82 -14.62
CA THR B 185 -18.84 3.76 -13.85
C THR B 185 -17.87 2.95 -14.73
N ALA B 186 -18.27 2.69 -15.99
CA ALA B 186 -17.48 1.95 -16.96
C ALA B 186 -16.21 2.72 -17.32
N LYS B 187 -16.32 4.03 -17.50
CA LYS B 187 -15.10 4.84 -17.81
C LYS B 187 -14.15 4.79 -16.62
N VAL B 188 -14.68 4.92 -15.41
CA VAL B 188 -13.82 4.89 -14.23
C VAL B 188 -13.14 3.51 -14.08
N ALA B 189 -13.88 2.40 -14.34
CA ALA B 189 -13.34 1.03 -14.28
C ALA B 189 -12.21 0.85 -15.28
N ASN B 190 -12.36 1.44 -16.46
CA ASN B 190 -11.33 1.39 -17.52
C ASN B 190 -10.09 2.13 -17.01
N GLN B 191 -10.30 3.30 -16.42
CA GLN B 191 -9.19 4.11 -15.94
C GLN B 191 -8.41 3.45 -14.82
N ILE B 192 -9.08 2.60 -14.01
CA ILE B 192 -8.43 1.82 -12.96
C ILE B 192 -7.57 0.73 -13.65
N ILE B 193 -8.14 0.01 -14.66
CA ILE B 193 -7.39 -1.03 -15.36
C ILE B 193 -6.21 -0.42 -16.08
N VAL B 194 -6.42 0.72 -16.75
CA VAL B 194 -5.33 1.36 -17.49
C VAL B 194 -4.21 1.81 -16.55
N ALA B 195 -4.52 2.54 -15.46
CA ALA B 195 -3.49 2.98 -14.53
C ALA B 195 -2.73 1.82 -13.87
N LEU B 196 -3.46 0.77 -13.43
CA LEU B 196 -2.84 -0.38 -12.78
C LEU B 196 -2.04 -1.27 -13.72
N ASN B 197 -2.46 -1.36 -14.99
CA ASN B 197 -1.73 -2.13 -15.99
C ASN B 197 -0.43 -1.39 -16.34
N ILE B 198 -0.43 -0.05 -16.31
CA ILE B 198 0.77 0.72 -16.57
C ILE B 198 1.75 0.45 -15.41
N GLN B 199 1.26 0.53 -14.16
CA GLN B 199 2.09 0.24 -13.00
C GLN B 199 2.60 -1.22 -12.96
N ALA B 200 1.78 -2.18 -13.47
CA ALA B 200 2.17 -3.59 -13.53
C ALA B 200 3.39 -3.78 -14.45
N VAL B 201 3.35 -3.17 -15.65
CA VAL B 201 4.43 -3.23 -16.64
C VAL B 201 5.65 -2.45 -16.12
N ALA B 202 5.42 -1.32 -15.44
CA ALA B 202 6.47 -0.47 -14.88
C ALA B 202 7.27 -1.19 -13.78
N GLU B 203 6.59 -1.85 -12.84
CA GLU B 203 7.24 -2.56 -11.76
C GLU B 203 7.99 -3.79 -12.28
N ALA B 204 7.42 -4.49 -13.25
CA ALA B 204 8.06 -5.70 -13.81
C ALA B 204 9.32 -5.33 -14.60
N LEU B 205 9.28 -4.23 -15.35
CA LEU B 205 10.43 -3.82 -16.18
C LEU B 205 11.54 -3.23 -15.31
N LEU B 206 11.17 -2.54 -14.23
CA LEU B 206 12.18 -2.00 -13.28
C LEU B 206 12.88 -3.19 -12.63
N PHE B 207 12.12 -4.21 -12.28
CA PHE B 207 12.72 -5.43 -11.68
C PHE B 207 13.68 -6.04 -12.70
N ALA B 208 13.21 -6.20 -13.93
CA ALA B 208 14.03 -6.83 -14.98
C ALA B 208 15.35 -6.08 -15.17
N ALA B 209 15.28 -4.77 -15.27
CA ALA B 209 16.50 -3.96 -15.55
C ALA B 209 17.37 -3.88 -14.30
N ARG B 210 16.76 -3.91 -13.12
CA ARG B 210 17.56 -3.92 -11.87
C ARG B 210 18.31 -5.26 -11.81
N ASN B 211 17.70 -6.33 -12.31
CA ASN B 211 18.40 -7.61 -12.33
C ASN B 211 19.39 -7.78 -13.54
N GLY B 212 19.69 -6.69 -14.24
CA GLY B 212 20.64 -6.68 -15.34
C GLY B 212 20.09 -7.05 -16.70
N ALA B 213 18.84 -7.47 -16.79
CA ALA B 213 18.25 -7.88 -18.09
C ALA B 213 17.85 -6.67 -18.93
N ASP B 214 17.62 -6.90 -20.23
CA ASP B 214 17.17 -5.81 -21.14
C ASP B 214 15.65 -5.76 -21.13
N PRO B 215 15.04 -4.67 -20.62
CA PRO B 215 13.59 -4.54 -20.58
C PRO B 215 12.94 -4.83 -21.94
N ALA B 216 13.61 -4.46 -23.03
CA ALA B 216 12.99 -4.63 -24.37
C ALA B 216 12.85 -6.12 -24.69
N LYS B 217 13.85 -6.92 -24.34
CA LYS B 217 13.81 -8.38 -24.60
C LYS B 217 12.74 -9.01 -23.71
N VAL B 218 12.68 -8.56 -22.45
CA VAL B 218 11.66 -9.10 -21.50
C VAL B 218 10.28 -8.76 -22.06
N ARG B 219 10.09 -7.54 -22.57
CA ARG B 219 8.80 -7.12 -23.13
C ARG B 219 8.45 -8.05 -24.30
N GLU B 220 9.39 -8.22 -25.23
CA GLU B 220 9.18 -9.13 -26.37
C GLU B 220 8.71 -10.49 -25.85
N ALA B 221 9.49 -11.08 -24.95
CA ALA B 221 9.17 -12.41 -24.43
C ALA B 221 7.82 -12.43 -23.73
N LEU B 222 7.51 -11.37 -22.97
CA LEU B 222 6.27 -11.39 -22.17
C LEU B 222 5.05 -11.15 -23.05
N MET B 223 5.24 -10.51 -24.20
CA MET B 223 4.10 -10.15 -25.08
C MET B 223 3.51 -11.39 -25.75
N GLY B 224 4.06 -12.56 -25.47
CA GLY B 224 3.51 -13.79 -26.06
C GLY B 224 2.69 -14.61 -25.09
N GLY B 225 2.62 -14.22 -23.82
CA GLY B 225 1.93 -15.05 -22.81
C GLY B 225 0.83 -14.32 -22.07
N PHE B 226 0.47 -14.81 -20.89
CA PHE B 226 -0.64 -14.20 -20.16
C PHE B 226 -0.34 -12.77 -19.67
N ALA B 227 0.89 -12.27 -19.85
CA ALA B 227 1.24 -10.88 -19.53
C ALA B 227 0.82 -9.89 -20.65
N SER B 228 0.38 -10.41 -21.82
CA SER B 228 -0.04 -9.66 -22.98
C SER B 228 -1.16 -8.72 -22.65
N SER B 229 -1.07 -7.50 -23.18
CA SER B 229 -2.04 -6.43 -22.99
C SER B 229 -1.74 -5.29 -23.98
N ARG B 230 -2.73 -4.44 -24.24
CA ARG B 230 -2.52 -3.26 -25.09
C ARG B 230 -1.47 -2.33 -24.44
N ILE B 231 -1.47 -2.23 -23.11
CA ILE B 231 -0.53 -1.43 -22.30
C ILE B 231 0.94 -1.93 -22.45
N LEU B 232 1.14 -3.26 -22.46
CA LEU B 232 2.48 -3.81 -22.68
C LEU B 232 2.94 -3.46 -24.11
N GLU B 233 2.05 -3.57 -25.13
CA GLU B 233 2.40 -3.24 -26.52
C GLU B 233 2.76 -1.77 -26.67
N VAL B 234 1.89 -0.88 -26.19
CA VAL B 234 2.06 0.54 -26.41
C VAL B 234 2.95 1.18 -25.32
N HIS B 235 2.48 1.25 -24.08
CA HIS B 235 3.17 1.91 -22.99
C HIS B 235 4.47 1.22 -22.58
N GLY B 236 4.55 -0.10 -22.77
CA GLY B 236 5.75 -0.86 -22.47
C GLY B 236 6.89 -0.38 -23.34
N GLU B 237 6.60 -0.19 -24.64
CA GLU B 237 7.53 0.32 -25.65
C GLU B 237 7.99 1.70 -25.24
N ARG B 238 7.06 2.59 -24.92
CA ARG B 238 7.40 3.98 -24.51
C ARG B 238 8.31 3.97 -23.29
N MET B 239 8.04 3.09 -22.32
CA MET B 239 8.85 3.01 -21.08
C MET B 239 10.28 2.61 -21.45
N VAL B 240 10.43 1.75 -22.44
CA VAL B 240 11.77 1.28 -22.88
C VAL B 240 12.45 2.34 -23.75
N LYS B 241 11.69 2.99 -24.63
CA LYS B 241 12.29 3.97 -25.58
C LYS B 241 12.49 5.34 -24.95
N GLY B 242 11.74 5.66 -23.89
CA GLY B 242 11.82 6.96 -23.24
C GLY B 242 11.03 8.02 -23.98
N THR B 243 9.99 7.55 -24.68
CA THR B 243 9.09 8.44 -25.45
C THR B 243 7.90 8.78 -24.54
N PHE B 244 8.06 9.78 -23.68
CA PHE B 244 7.01 10.08 -22.67
C PHE B 244 6.25 11.35 -23.04
N ASP B 245 6.39 11.80 -24.28
CA ASP B 245 5.69 13.04 -24.73
C ASP B 245 4.18 12.81 -24.59
N PRO B 246 3.45 13.79 -24.02
CA PRO B 246 2.04 13.62 -23.73
C PRO B 246 1.06 13.17 -24.81
N GLY B 247 0.25 12.18 -24.44
CA GLY B 247 -0.89 11.76 -25.25
C GLY B 247 -1.96 11.79 -24.18
N PHE B 248 -1.76 11.03 -23.11
CA PHE B 248 -2.66 11.12 -21.93
C PHE B 248 -1.82 11.59 -20.74
N ARG B 249 -2.03 12.83 -20.30
CA ARG B 249 -1.21 13.42 -19.21
C ARG B 249 -1.49 12.77 -17.86
N ILE B 250 -0.49 12.73 -16.99
CA ILE B 250 -0.63 12.15 -15.62
C ILE B 250 -1.75 12.88 -14.87
N SER B 251 -1.84 14.19 -15.02
CA SER B 251 -2.84 14.99 -14.29
C SER B 251 -4.24 14.50 -14.59
N LEU B 252 -4.52 14.22 -15.87
CA LEU B 252 -5.83 13.71 -16.26
C LEU B 252 -6.08 12.34 -15.59
N HIS B 253 -5.04 11.50 -15.51
CA HIS B 253 -5.17 10.20 -14.86
C HIS B 253 -5.30 10.34 -13.32
N GLN B 254 -4.69 11.37 -12.73
CA GLN B 254 -4.83 11.65 -11.31
C GLN B 254 -6.28 12.01 -10.99
N LYS B 255 -6.93 12.77 -11.89
CA LYS B 255 -8.33 13.18 -11.78
C LYS B 255 -9.24 11.93 -11.88
N ASP B 256 -8.99 11.05 -12.86
CA ASP B 256 -9.76 9.81 -13.00
C ASP B 256 -9.58 8.85 -11.84
N LEU B 257 -8.33 8.71 -11.31
CA LEU B 257 -8.11 7.83 -10.14
C LEU B 257 -8.81 8.40 -8.91
N ASN B 258 -8.88 9.74 -8.79
CA ASN B 258 -9.60 10.41 -7.72
C ASN B 258 -11.11 10.11 -7.77
N LEU B 259 -11.70 9.99 -8.97
CA LEU B 259 -13.11 9.60 -9.10
C LEU B 259 -13.32 8.20 -8.55
N ALA B 260 -12.41 7.25 -8.86
CA ALA B 260 -12.46 5.86 -8.39
C ALA B 260 -12.26 5.77 -6.87
N LEU B 261 -11.34 6.58 -6.33
CA LEU B 261 -11.04 6.58 -4.90
C LEU B 261 -12.12 7.26 -4.08
N ALA B 262 -12.76 8.31 -4.65
CA ALA B 262 -13.88 8.95 -3.97
C ALA B 262 -15.05 7.95 -3.96
N GLY B 263 -15.29 7.26 -5.08
CA GLY B 263 -16.33 6.25 -5.15
C GLY B 263 -16.11 5.11 -4.17
N ALA B 264 -14.85 4.63 -4.05
CA ALA B 264 -14.50 3.56 -3.13
C ALA B 264 -14.69 4.00 -1.69
N ARG B 265 -14.36 5.26 -1.36
CA ARG B 265 -14.55 5.74 0.01
C ARG B 265 -16.06 5.90 0.31
N GLU B 266 -16.83 6.35 -0.68
CA GLU B 266 -18.27 6.54 -0.53
C GLU B 266 -19.02 5.23 -0.40
N LEU B 267 -18.56 4.17 -1.09
CA LEU B 267 -19.25 2.87 -1.10
C LEU B 267 -18.56 1.75 -0.33
N ASN B 268 -17.53 2.10 0.44
CA ASN B 268 -16.78 1.21 1.32
C ASN B 268 -16.06 0.08 0.58
N LEU B 269 -15.17 0.45 -0.37
CA LEU B 269 -14.35 -0.50 -1.10
C LEU B 269 -12.89 -0.34 -0.67
N ASN B 270 -12.19 -1.44 -0.45
CA ASN B 270 -10.78 -1.40 -0.13
C ASN B 270 -10.06 -1.80 -1.42
N LEU B 271 -9.60 -0.83 -2.21
CA LEU B 271 -8.88 -1.04 -3.47
C LEU B 271 -7.44 -0.54 -3.23
N PRO B 272 -6.54 -1.40 -2.71
CA PRO B 272 -5.20 -0.91 -2.36
C PRO B 272 -4.25 -0.59 -3.52
N ASN B 273 -4.38 -1.26 -4.69
CA ASN B 273 -3.46 -0.96 -5.79
C ASN B 273 -3.84 0.39 -6.44
N THR B 274 -5.15 0.71 -6.54
CA THR B 274 -5.61 1.99 -7.07
C THR B 274 -5.15 3.15 -6.14
N ALA B 275 -5.24 2.93 -4.83
CA ALA B 275 -4.79 3.88 -3.85
C ALA B 275 -3.27 4.14 -4.00
N ASN B 276 -2.45 3.08 -4.16
CA ASN B 276 -0.99 3.19 -4.33
C ASN B 276 -0.62 3.90 -5.60
N ALA B 277 -1.31 3.56 -6.70
CA ALA B 277 -1.07 4.19 -8.01
C ALA B 277 -1.19 5.71 -7.95
N GLN B 278 -2.15 6.21 -7.18
CA GLN B 278 -2.35 7.65 -7.04
C GLN B 278 -1.15 8.36 -6.39
N GLN B 279 -0.56 7.69 -5.39
CA GLN B 279 0.61 8.15 -4.65
C GLN B 279 1.85 8.11 -5.55
N VAL B 280 1.97 7.06 -6.42
CA VAL B 280 3.07 6.96 -7.39
C VAL B 280 2.94 8.11 -8.41
N PHE B 281 1.71 8.38 -8.90
CA PHE B 281 1.46 9.52 -9.79
C PHE B 281 1.87 10.84 -9.14
N SER B 282 1.71 10.96 -7.80
CA SER B 282 2.09 12.16 -7.08
C SER B 282 3.61 12.34 -7.06
N THR B 283 4.35 11.23 -6.99
CA THR B 283 5.84 11.30 -7.06
C THR B 283 6.23 11.79 -8.46
N CYS B 284 5.56 11.28 -9.49
CA CYS B 284 5.83 11.70 -10.88
C CYS B 284 5.63 13.22 -11.01
N ALA B 285 4.55 13.72 -10.44
CA ALA B 285 4.24 15.16 -10.50
C ALA B 285 5.26 15.95 -9.68
N ALA B 286 5.70 15.39 -8.56
CA ALA B 286 6.69 16.06 -7.72
C ALA B 286 8.04 16.21 -8.43
N ILE B 287 8.29 15.38 -9.44
CA ILE B 287 9.57 15.45 -10.20
C ILE B 287 9.33 16.13 -11.54
N GLY B 288 8.21 16.85 -11.68
CA GLY B 288 7.92 17.63 -12.89
C GLY B 288 7.24 16.84 -13.98
N GLY B 289 6.44 15.83 -13.64
CA GLY B 289 5.88 14.97 -14.69
C GLY B 289 4.37 15.01 -14.82
N SER B 290 3.74 16.10 -14.40
CA SER B 290 2.26 16.20 -14.43
C SER B 290 1.78 16.17 -15.88
N ASN B 291 2.61 16.63 -16.81
CA ASN B 291 2.21 16.70 -18.24
C ASN B 291 2.96 15.64 -19.05
N TRP B 292 3.46 14.59 -18.40
CA TRP B 292 4.07 13.47 -19.14
C TRP B 292 2.93 12.53 -19.55
N ASP B 293 3.22 11.56 -20.41
CA ASP B 293 2.20 10.53 -20.74
C ASP B 293 2.11 9.60 -19.54
N HIS B 294 0.94 9.02 -19.29
CA HIS B 294 0.72 8.15 -18.10
C HIS B 294 1.77 7.04 -18.08
N SER B 295 2.34 6.71 -19.24
CA SER B 295 3.40 5.69 -19.33
C SER B 295 4.59 6.11 -18.47
N ALA B 296 4.73 7.40 -18.19
CA ALA B 296 5.89 7.90 -17.42
C ALA B 296 5.77 7.58 -15.94
N LEU B 297 4.80 6.77 -15.54
CA LEU B 297 4.71 6.31 -14.13
C LEU B 297 6.03 5.60 -13.78
N ILE B 298 6.66 4.95 -14.77
CA ILE B 298 7.96 4.24 -14.57
C ILE B 298 8.98 5.19 -13.96
N LYS B 299 8.96 6.46 -14.35
CA LYS B 299 9.97 7.41 -13.88
C LYS B 299 9.74 7.71 -12.39
N GLY B 300 8.50 7.56 -11.92
CA GLY B 300 8.23 7.72 -10.48
C GLY B 300 8.85 6.56 -9.74
N LEU B 301 8.53 5.34 -10.17
CA LEU B 301 9.11 4.12 -9.56
C LEU B 301 10.62 4.15 -9.73
N GLU B 302 11.11 4.62 -10.87
CA GLU B 302 12.57 4.74 -11.09
C GLU B 302 13.16 5.68 -10.03
N HIS B 303 12.51 6.81 -9.80
CA HIS B 303 12.98 7.77 -8.77
C HIS B 303 12.93 7.06 -7.42
N MET B 304 11.87 6.28 -7.21
CA MET B 304 11.74 5.53 -5.97
C MET B 304 12.81 4.45 -5.78
N ALA B 305 13.43 3.98 -6.89
CA ALA B 305 14.51 3.00 -6.88
C ALA B 305 15.89 3.63 -7.13
N ASN B 306 15.96 4.93 -7.42
CA ASN B 306 17.25 5.59 -7.76
C ASN B 306 17.93 4.82 -8.91
N PHE B 307 17.13 4.36 -9.88
CA PHE B 307 17.67 3.54 -11.00
C PHE B 307 16.72 3.66 -12.20
N SER B 308 17.27 3.90 -13.39
CA SER B 308 16.44 3.99 -14.62
C SER B 308 16.55 2.69 -15.43
N ILE B 309 15.46 2.28 -16.08
CA ILE B 309 15.48 1.09 -16.97
C ILE B 309 16.02 1.54 -18.33
N ARG B 310 16.63 2.72 -18.38
CA ARG B 310 17.17 3.26 -19.66
C ARG B 310 18.57 3.81 -19.41
N ASP B 311 19.44 3.74 -20.42
CA ASP B 311 20.78 4.35 -20.28
C ASP B 311 20.64 5.85 -20.55
N GLU B 312 20.49 6.64 -19.48
CA GLU B 312 20.30 8.08 -19.58
C GLU B 312 20.93 8.75 -18.36
N MET C 17 -16.60 39.26 29.72
CA MET C 17 -15.64 40.21 29.18
C MET C 17 -15.90 40.59 27.70
N ALA C 18 -15.96 39.61 26.78
CA ALA C 18 -16.14 39.90 25.35
C ALA C 18 -17.48 39.45 24.74
N LYS C 19 -17.87 40.08 23.60
CA LYS C 19 -19.06 39.72 22.87
C LYS C 19 -18.63 38.62 21.89
N ILE C 20 -19.27 37.46 21.98
CA ILE C 20 -18.87 36.30 21.18
C ILE C 20 -20.01 35.65 20.41
N GLY C 21 -19.86 35.60 19.10
CA GLY C 21 -20.82 34.87 18.28
C GLY C 21 -20.35 33.44 18.16
N PHE C 22 -21.28 32.50 18.01
CA PHE C 22 -20.91 31.07 17.88
C PHE C 22 -21.83 30.41 16.87
N ILE C 23 -21.34 30.25 15.65
CA ILE C 23 -22.12 29.54 14.60
C ILE C 23 -21.73 28.06 14.66
N GLY C 24 -22.68 27.20 15.01
CA GLY C 24 -22.38 25.75 15.14
C GLY C 24 -22.49 25.30 16.59
N THR C 25 -23.70 25.34 17.14
CA THR C 25 -23.89 24.99 18.57
C THR C 25 -24.41 23.57 18.68
N GLY C 26 -23.56 22.60 18.35
CA GLY C 26 -23.98 21.19 18.38
C GLY C 26 -23.28 20.38 19.45
N ILE C 27 -23.06 19.10 19.19
CA ILE C 27 -22.46 18.18 20.21
C ILE C 27 -21.25 18.83 20.87
N MET C 28 -20.40 19.51 20.10
CA MET C 28 -19.17 20.11 20.67
C MET C 28 -19.35 21.63 20.80
N GLY C 29 -20.01 22.25 19.83
CA GLY C 29 -20.20 23.71 19.85
C GLY C 29 -20.99 24.19 21.04
N LYS C 30 -22.10 23.51 21.34
CA LYS C 30 -22.94 23.89 22.51
C LYS C 30 -22.08 23.86 23.78
N PRO C 31 -21.45 22.74 24.20
CA PRO C 31 -20.66 22.78 25.45
C PRO C 31 -19.54 23.83 25.40
N MET C 32 -19.00 24.14 24.20
CA MET C 32 -17.94 25.12 24.04
C MET C 32 -18.48 26.53 24.31
N ALA C 33 -19.69 26.82 23.79
CA ALA C 33 -20.36 28.10 23.98
C ALA C 33 -20.78 28.25 25.45
N GLN C 34 -21.30 27.17 26.05
CA GLN C 34 -21.68 27.11 27.46
C GLN C 34 -20.50 27.43 28.35
N ASN C 35 -19.30 26.95 27.98
CA ASN C 35 -18.07 27.18 28.72
C ASN C 35 -17.59 28.63 28.57
N LEU C 36 -17.84 29.24 27.40
CA LEU C 36 -17.50 30.64 27.17
C LEU C 36 -18.44 31.53 28.01
N GLN C 37 -19.74 31.15 28.09
CA GLN C 37 -20.75 31.83 28.90
C GLN C 37 -20.33 31.77 30.37
N LYS C 38 -19.83 30.58 30.82
CA LYS C 38 -19.32 30.32 32.16
C LYS C 38 -18.19 31.27 32.54
N ALA C 39 -17.38 31.71 31.56
CA ALA C 39 -16.29 32.66 31.77
C ALA C 39 -16.75 34.15 31.79
N GLY C 40 -18.07 34.38 31.72
CA GLY C 40 -18.67 35.70 31.77
C GLY C 40 -18.76 36.40 30.43
N HIS C 41 -18.76 35.64 29.33
CA HIS C 41 -18.84 36.23 28.01
C HIS C 41 -20.28 36.36 27.51
N SER C 42 -20.55 37.36 26.66
CA SER C 42 -21.88 37.60 26.09
C SER C 42 -21.99 36.79 24.81
N LEU C 43 -22.91 35.82 24.75
CA LEU C 43 -23.06 34.99 23.57
C LEU C 43 -24.13 35.45 22.62
N PHE C 44 -23.88 35.30 21.31
CA PHE C 44 -24.79 35.67 20.24
C PHE C 44 -24.93 34.49 19.29
N LEU C 45 -26.17 34.06 19.03
CA LEU C 45 -26.41 32.88 18.20
C LEU C 45 -27.11 33.19 16.87
N SER C 46 -27.14 32.21 15.95
CA SER C 46 -27.83 32.40 14.68
C SER C 46 -28.93 31.35 14.48
N THR C 47 -30.12 31.82 14.12
CA THR C 47 -31.25 30.94 13.90
C THR C 47 -31.53 30.71 12.39
N HIS C 48 -30.59 31.08 11.50
CA HIS C 48 -30.78 30.95 10.06
C HIS C 48 -30.94 29.53 9.54
N HIS C 49 -30.59 28.51 10.35
CA HIS C 49 -30.80 27.13 9.94
C HIS C 49 -31.39 26.29 11.06
N ASP C 50 -30.85 26.45 12.27
CA ASP C 50 -31.35 25.71 13.42
C ASP C 50 -31.81 26.63 14.53
N ALA C 51 -32.71 26.15 15.39
CA ALA C 51 -33.19 26.93 16.52
C ALA C 51 -32.07 27.02 17.58
N ALA C 52 -31.82 28.22 18.11
CA ALA C 52 -30.80 28.46 19.11
C ALA C 52 -31.10 27.64 20.37
N PRO C 53 -30.18 26.73 20.77
CA PRO C 53 -30.42 25.88 21.96
C PRO C 53 -30.97 26.60 23.19
N ALA C 54 -32.01 26.01 23.80
CA ALA C 54 -32.71 26.54 24.97
C ALA C 54 -31.78 26.75 26.15
N ASP C 55 -30.85 25.81 26.39
CA ASP C 55 -29.90 25.92 27.49
C ASP C 55 -29.00 27.17 27.36
N LEU C 56 -28.75 27.61 26.12
CA LEU C 56 -27.92 28.78 25.90
C LEU C 56 -28.71 30.07 26.12
N LEU C 57 -29.96 30.11 25.64
CA LEU C 57 -30.84 31.27 25.81
C LEU C 57 -31.17 31.46 27.30
N GLU C 58 -31.46 30.35 28.00
CA GLU C 58 -31.76 30.32 29.43
C GLU C 58 -30.60 30.86 30.31
N ALA C 59 -29.40 31.06 29.72
CA ALA C 59 -28.24 31.56 30.43
C ALA C 59 -27.77 32.96 29.97
N GLY C 60 -28.46 33.57 29.01
CA GLY C 60 -28.10 34.91 28.56
C GLY C 60 -27.71 35.10 27.11
N ALA C 61 -27.76 34.02 26.30
CA ALA C 61 -27.41 34.13 24.88
C ALA C 61 -28.52 34.82 24.09
N ILE C 62 -28.14 35.68 23.14
CA ILE C 62 -29.08 36.40 22.29
C ILE C 62 -29.18 35.79 20.89
N ALA C 63 -30.37 35.29 20.54
CA ALA C 63 -30.59 34.68 19.22
C ALA C 63 -30.86 35.76 18.15
N LEU C 64 -30.08 35.73 17.08
CA LEU C 64 -30.22 36.64 15.95
C LEU C 64 -30.56 35.87 14.67
N ALA C 65 -31.12 36.54 13.66
CA ALA C 65 -31.61 35.91 12.43
C ALA C 65 -30.56 35.32 11.52
N ASN C 66 -29.33 35.88 11.53
CA ASN C 66 -28.28 35.40 10.64
C ASN C 66 -26.84 35.71 11.14
N PRO C 67 -25.83 34.97 10.62
CA PRO C 67 -24.44 35.20 11.03
C PRO C 67 -23.86 36.58 10.69
N LYS C 68 -24.49 37.31 9.75
CA LYS C 68 -24.05 38.66 9.40
C LYS C 68 -24.32 39.59 10.60
N GLU C 69 -25.52 39.45 11.21
CA GLU C 69 -25.97 40.21 12.38
C GLU C 69 -25.12 39.86 13.59
N VAL C 70 -24.83 38.56 13.77
CA VAL C 70 -23.99 38.03 14.84
C VAL C 70 -22.60 38.71 14.78
N ALA C 71 -22.00 38.75 13.57
CA ALA C 71 -20.69 39.36 13.36
C ALA C 71 -20.71 40.86 13.60
N GLN C 72 -21.81 41.54 13.25
CA GLN C 72 -21.95 42.97 13.46
C GLN C 72 -21.87 43.30 14.97
N GLU C 73 -22.52 42.46 15.79
CA GLU C 73 -22.55 42.62 17.24
C GLU C 73 -21.22 42.24 17.94
N ALA C 74 -20.78 41.00 17.73
CA ALA C 74 -19.62 40.46 18.48
C ALA C 74 -18.24 40.92 18.03
N GLU C 75 -17.26 40.77 18.93
CA GLU C 75 -15.84 41.09 18.60
C GLU C 75 -15.21 39.81 18.06
N PHE C 76 -15.63 38.68 18.61
CA PHE C 76 -15.12 37.36 18.16
C PHE C 76 -16.29 36.54 17.60
N ILE C 77 -16.11 35.90 16.45
CA ILE C 77 -17.17 35.00 15.91
C ILE C 77 -16.55 33.62 15.68
N ILE C 78 -16.99 32.63 16.46
CA ILE C 78 -16.45 31.25 16.35
C ILE C 78 -17.35 30.43 15.43
N VAL C 79 -16.74 29.69 14.50
CA VAL C 79 -17.49 28.79 13.58
C VAL C 79 -17.13 27.34 13.97
N MET C 80 -18.14 26.50 14.13
CA MET C 80 -17.90 25.06 14.43
C MET C 80 -18.88 24.26 13.56
N VAL C 81 -18.50 23.99 12.32
CA VAL C 81 -19.38 23.28 11.35
C VAL C 81 -18.68 22.01 10.87
N PRO C 82 -19.40 21.00 10.31
CA PRO C 82 -18.79 19.70 9.96
C PRO C 82 -17.70 19.64 8.91
N ASP C 83 -17.82 20.33 7.75
CA ASP C 83 -16.78 20.25 6.72
C ASP C 83 -16.52 21.63 6.04
N THR C 84 -15.51 21.66 5.13
CA THR C 84 -15.08 22.81 4.34
C THR C 84 -16.21 23.60 3.67
N PRO C 85 -17.15 22.96 2.90
CA PRO C 85 -18.21 23.76 2.25
C PRO C 85 -19.19 24.40 3.22
N GLN C 86 -19.33 23.84 4.43
CA GLN C 86 -20.20 24.44 5.45
C GLN C 86 -19.55 25.70 6.02
N VAL C 87 -18.20 25.71 6.19
CA VAL C 87 -17.46 26.89 6.67
C VAL C 87 -17.55 27.98 5.58
N GLU C 88 -17.37 27.56 4.31
CA GLU C 88 -17.45 28.37 3.11
C GLU C 88 -18.82 29.08 3.09
N ASP C 89 -19.89 28.32 3.35
CA ASP C 89 -21.24 28.82 3.38
C ASP C 89 -21.44 29.86 4.49
N VAL C 90 -21.29 29.50 5.79
CA VAL C 90 -21.49 30.46 6.88
C VAL C 90 -20.64 31.73 6.73
N LEU C 91 -19.49 31.63 6.06
CA LEU C 91 -18.64 32.80 5.86
C LEU C 91 -19.10 33.71 4.72
N PHE C 92 -19.23 33.16 3.49
CA PHE C 92 -19.43 33.96 2.30
C PHE C 92 -20.83 33.91 1.69
N ARG C 93 -21.79 33.31 2.38
CA ARG C 93 -23.18 33.25 1.99
C ARG C 93 -23.83 34.64 2.17
N LYS C 94 -25.00 34.89 1.52
CA LYS C 94 -25.75 36.14 1.68
C LYS C 94 -26.24 36.18 3.13
N ASP C 95 -25.93 37.26 3.84
CA ASP C 95 -26.18 37.43 5.26
C ASP C 95 -25.27 36.50 6.09
N GLY C 96 -24.05 36.26 5.58
CA GLY C 96 -23.03 35.45 6.21
C GLY C 96 -22.07 36.32 7.00
N ILE C 97 -21.14 35.68 7.71
CA ILE C 97 -20.16 36.33 8.56
C ILE C 97 -19.35 37.45 7.87
N ALA C 98 -18.95 37.22 6.62
CA ALA C 98 -18.08 38.21 5.96
C ALA C 98 -18.78 39.56 5.80
N GLU C 99 -19.97 39.57 5.20
CA GLU C 99 -20.66 40.84 4.95
C GLU C 99 -21.25 41.51 6.22
N GLY C 100 -20.80 41.06 7.38
CA GLY C 100 -21.10 41.62 8.70
C GLY C 100 -19.84 41.85 9.52
N ALA C 101 -18.70 41.56 8.90
CA ALA C 101 -17.41 41.65 9.63
C ALA C 101 -16.62 42.87 9.20
N GLY C 102 -15.58 43.19 9.97
CA GLY C 102 -14.77 44.37 9.68
C GLY C 102 -13.65 44.56 10.66
N PRO C 103 -12.99 45.74 10.66
CA PRO C 103 -11.84 45.97 11.53
C PRO C 103 -12.04 45.64 13.01
N ASN C 104 -11.02 45.09 13.67
CA ASN C 104 -11.06 44.75 15.12
C ASN C 104 -11.91 43.51 15.39
N LYS C 105 -12.61 43.01 14.39
CA LYS C 105 -13.37 41.75 14.60
C LYS C 105 -12.44 40.56 14.35
N VAL C 106 -12.65 39.47 15.06
CA VAL C 106 -11.78 38.26 14.92
C VAL C 106 -12.67 37.08 14.54
N VAL C 107 -12.47 36.52 13.35
CA VAL C 107 -13.24 35.32 12.91
C VAL C 107 -12.41 34.06 13.24
N ILE C 108 -12.96 33.14 14.02
CA ILE C 108 -12.20 31.95 14.46
C ILE C 108 -12.89 30.68 13.94
N ASP C 109 -12.26 29.99 12.99
CA ASP C 109 -12.82 28.70 12.49
C ASP C 109 -12.31 27.56 13.36
N MET C 110 -13.15 27.09 14.26
CA MET C 110 -12.79 25.96 15.10
C MET C 110 -13.13 24.60 14.47
N SER C 111 -13.63 24.58 13.23
CA SER C 111 -13.88 23.34 12.51
C SER C 111 -12.53 22.70 12.04
N SER C 112 -12.56 21.42 11.62
CA SER C 112 -11.39 20.72 11.12
C SER C 112 -11.66 20.51 9.65
N ILE C 113 -11.12 21.40 8.83
CA ILE C 113 -11.35 21.47 7.39
C ILE C 113 -10.01 21.56 6.62
N SER C 114 -10.09 21.62 5.28
CA SER C 114 -8.98 21.75 4.35
C SER C 114 -8.10 22.93 4.71
N PRO C 115 -6.78 22.72 4.88
CA PRO C 115 -5.89 23.86 5.10
C PRO C 115 -5.83 24.75 3.85
N THR C 116 -5.98 24.18 2.64
CA THR C 116 -5.94 24.98 1.41
C THR C 116 -7.11 25.94 1.35
N ALA C 117 -8.34 25.42 1.59
CA ALA C 117 -9.54 26.24 1.61
C ALA C 117 -9.41 27.32 2.66
N THR C 118 -8.87 26.98 3.84
CA THR C 118 -8.61 27.86 4.97
C THR C 118 -7.75 29.07 4.60
N LYS C 119 -6.67 28.88 3.84
CA LYS C 119 -5.80 29.99 3.45
C LYS C 119 -6.54 31.00 2.57
N GLY C 120 -7.40 30.48 1.69
CA GLY C 120 -8.23 31.28 0.80
C GLY C 120 -9.34 32.00 1.54
N PHE C 121 -9.93 31.36 2.56
CA PHE C 121 -10.96 31.98 3.40
C PHE C 121 -10.32 33.09 4.22
N ALA C 122 -9.09 32.87 4.73
CA ALA C 122 -8.40 33.84 5.56
C ALA C 122 -8.15 35.15 4.83
N GLU C 123 -7.73 35.09 3.57
CA GLU C 123 -7.44 36.31 2.82
C GLU C 123 -8.72 37.12 2.49
N LYS C 124 -9.83 36.43 2.27
CA LYS C 124 -11.11 37.14 1.99
C LYS C 124 -11.59 37.83 3.27
N ILE C 125 -11.48 37.17 4.41
CA ILE C 125 -11.98 37.76 5.69
C ILE C 125 -11.06 38.94 6.06
N LYS C 126 -9.77 38.83 5.77
CA LYS C 126 -8.83 39.91 6.16
C LYS C 126 -9.13 41.15 5.31
N ALA C 127 -9.76 40.94 4.15
CA ALA C 127 -10.13 42.06 3.26
C ALA C 127 -11.28 42.85 3.88
N THR C 128 -12.10 42.20 4.71
CA THR C 128 -13.19 42.92 5.42
C THR C 128 -12.58 43.79 6.53
N GLY C 129 -11.27 43.73 6.71
CA GLY C 129 -10.62 44.47 7.80
C GLY C 129 -10.50 43.61 9.04
N ALA C 130 -11.19 42.46 9.04
CA ALA C 130 -11.18 41.56 10.20
C ALA C 130 -9.94 40.67 10.20
N GLN C 131 -9.69 40.02 11.33
CA GLN C 131 -8.55 39.07 11.41
C GLN C 131 -9.13 37.65 11.43
N TYR C 132 -8.35 36.66 11.02
CA TYR C 132 -8.85 35.28 10.94
C TYR C 132 -7.91 34.34 11.71
N LEU C 133 -8.51 33.40 12.44
CA LEU C 133 -7.70 32.38 13.16
C LEU C 133 -8.27 31.01 12.83
N ASP C 134 -7.44 30.10 12.34
CA ASP C 134 -7.90 28.70 12.14
C ASP C 134 -7.58 27.94 13.42
N ALA C 135 -8.60 27.64 14.24
CA ALA C 135 -8.35 26.98 15.51
C ALA C 135 -9.05 25.60 15.66
N PRO C 136 -8.67 24.58 14.86
CA PRO C 136 -9.29 23.26 15.01
C PRO C 136 -9.05 22.59 16.37
N VAL C 137 -10.03 21.81 16.81
CA VAL C 137 -9.97 21.16 18.10
C VAL C 137 -9.86 19.65 17.99
N SER C 138 -9.28 19.05 19.02
CA SER C 138 -9.13 17.61 19.15
C SER C 138 -9.74 17.24 20.51
N GLY C 139 -10.49 16.17 20.49
CA GLY C 139 -11.29 15.73 21.61
C GLY C 139 -12.72 15.51 21.15
N GLY C 140 -13.55 14.98 22.03
CA GLY C 140 -14.92 14.68 21.66
C GLY C 140 -15.89 15.58 22.38
N GLU C 141 -17.08 15.05 22.61
CA GLU C 141 -18.11 15.72 23.37
C GLU C 141 -17.62 15.84 24.83
N VAL C 142 -16.90 14.80 25.33
CA VAL C 142 -16.29 14.73 26.66
C VAL C 142 -15.33 15.88 26.91
N GLY C 143 -14.33 16.04 26.04
CA GLY C 143 -13.35 17.12 26.14
C GLY C 143 -13.96 18.50 25.95
N ALA C 144 -15.01 18.58 25.12
CA ALA C 144 -15.70 19.85 24.89
C ALA C 144 -16.44 20.29 26.15
N LYS C 145 -17.11 19.33 26.82
CA LYS C 145 -17.86 19.57 28.05
C LYS C 145 -16.90 19.88 29.20
N ALA C 146 -15.77 19.15 29.27
CA ALA C 146 -14.75 19.29 30.31
C ALA C 146 -13.72 20.39 30.07
N ALA C 147 -13.81 21.09 28.91
CA ALA C 147 -12.88 22.16 28.53
C ALA C 147 -11.43 21.67 28.55
N THR C 148 -11.19 20.50 27.96
CA THR C 148 -9.85 19.89 27.90
C THR C 148 -9.38 19.61 26.47
N LEU C 149 -10.08 20.20 25.49
CA LEU C 149 -9.77 20.11 24.07
C LEU C 149 -8.36 20.60 23.80
N SER C 150 -7.71 20.00 22.80
CA SER C 150 -6.43 20.47 22.32
C SER C 150 -6.77 21.43 21.17
N ILE C 151 -6.14 22.60 21.13
CA ILE C 151 -6.42 23.61 20.11
C ILE C 151 -5.14 24.00 19.37
N MET C 152 -5.17 23.88 18.03
CA MET C 152 -4.01 24.17 17.18
C MET C 152 -4.37 25.39 16.37
N VAL C 153 -3.62 26.49 16.55
CA VAL C 153 -4.02 27.76 15.97
C VAL C 153 -3.08 28.34 14.91
N GLY C 154 -3.69 28.73 13.79
CA GLY C 154 -3.02 29.38 12.68
C GLY C 154 -3.50 30.81 12.54
N GLY C 155 -2.61 31.76 12.75
CA GLY C 155 -2.92 33.16 12.61
C GLY C 155 -1.84 34.07 13.14
N CYS C 156 -2.11 35.36 13.11
CA CYS C 156 -1.25 36.45 13.56
C CYS C 156 -1.04 36.33 15.10
N PRO C 157 0.19 36.50 15.60
CA PRO C 157 0.43 36.36 17.04
C PRO C 157 -0.41 37.27 17.95
N ASN C 158 -0.66 38.50 17.54
CA ASN C 158 -1.54 39.38 18.35
C ASN C 158 -2.95 38.79 18.38
N THR C 159 -3.51 38.48 17.22
CA THR C 159 -4.89 37.96 17.14
C THR C 159 -5.00 36.71 18.02
N PHE C 160 -3.98 35.85 17.98
CA PHE C 160 -3.97 34.61 18.80
C PHE C 160 -4.04 34.98 20.27
N GLU C 161 -3.24 35.96 20.68
CA GLU C 161 -3.17 36.29 22.13
C GLU C 161 -4.53 36.82 22.58
N ARG C 162 -5.24 37.51 21.69
CA ARG C 162 -6.58 38.06 22.01
C ARG C 162 -7.56 36.91 22.25
N ALA C 163 -7.53 35.89 21.41
CA ALA C 163 -8.49 34.78 21.54
C ALA C 163 -8.01 33.80 22.61
N LEU C 164 -6.75 33.92 23.02
CA LEU C 164 -6.18 33.00 24.01
C LEU C 164 -7.03 32.83 25.29
N PRO C 165 -7.52 33.88 25.98
CA PRO C 165 -8.41 33.64 27.14
C PRO C 165 -9.68 32.89 26.75
N LEU C 166 -10.14 33.03 25.50
CA LEU C 166 -11.32 32.31 25.00
C LEU C 166 -10.97 30.85 24.80
N PHE C 167 -9.80 30.58 24.22
CA PHE C 167 -9.31 29.22 24.02
C PHE C 167 -9.09 28.51 25.34
N GLN C 168 -8.60 29.22 26.38
CA GLN C 168 -8.38 28.62 27.70
C GLN C 168 -9.67 28.22 28.42
N ALA C 169 -10.78 28.85 28.06
CA ALA C 169 -12.08 28.53 28.64
C ALA C 169 -12.67 27.27 28.00
N MET C 170 -12.28 26.94 26.75
CA MET C 170 -12.79 25.78 26.04
C MET C 170 -11.82 24.61 25.97
N GLY C 171 -10.54 24.85 26.22
CA GLY C 171 -9.54 23.80 26.10
C GLY C 171 -8.35 23.92 27.03
N LYS C 172 -7.44 22.96 26.93
CA LYS C 172 -6.29 22.88 27.81
C LYS C 172 -4.99 23.02 27.01
N ASN C 173 -4.73 22.11 26.04
CA ASN C 173 -3.50 22.18 25.26
C ASN C 173 -3.65 23.09 24.05
N ILE C 174 -3.35 24.38 24.23
CA ILE C 174 -3.46 25.36 23.15
C ILE C 174 -2.09 25.78 22.61
N THR C 175 -1.92 25.73 21.28
CA THR C 175 -0.64 26.07 20.68
C THR C 175 -0.84 26.81 19.38
N ARG C 176 -0.13 27.94 19.20
CA ARG C 176 -0.13 28.65 17.95
C ARG C 176 0.98 28.00 17.08
N VAL C 177 0.61 27.33 15.98
CA VAL C 177 1.57 26.60 15.14
C VAL C 177 2.17 27.50 14.03
N GLY C 178 1.47 28.56 13.62
CA GLY C 178 2.04 29.47 12.62
C GLY C 178 1.02 30.44 12.07
N GLY C 179 1.25 30.93 10.85
CA GLY C 179 0.32 31.80 10.15
C GLY C 179 -0.92 31.06 9.70
N ASN C 180 -1.83 31.76 9.04
CA ASN C 180 -3.09 31.16 8.59
C ASN C 180 -2.91 29.91 7.72
N GLY C 181 -3.65 28.88 8.09
CA GLY C 181 -3.66 27.56 7.46
C GLY C 181 -2.92 26.50 8.27
N ASP C 182 -1.95 26.95 9.10
CA ASP C 182 -1.11 26.07 9.89
C ASP C 182 -1.80 25.35 11.05
N GLY C 183 -2.90 25.91 11.56
CA GLY C 183 -3.64 25.24 12.62
C GLY C 183 -4.35 24.02 12.06
N GLN C 184 -4.99 24.17 10.88
CA GLN C 184 -5.67 23.08 10.17
C GLN C 184 -4.65 22.07 9.65
N THR C 185 -3.46 22.54 9.24
CA THR C 185 -2.38 21.66 8.79
C THR C 185 -1.92 20.78 9.96
N ALA C 186 -1.72 21.38 11.15
CA ALA C 186 -1.34 20.65 12.34
C ALA C 186 -2.43 19.68 12.77
N LYS C 187 -3.71 19.99 12.49
CA LYS C 187 -4.79 19.08 12.87
C LYS C 187 -4.77 17.87 11.94
N VAL C 188 -4.59 18.11 10.64
CA VAL C 188 -4.57 17.03 9.66
C VAL C 188 -3.37 16.12 9.89
N ALA C 189 -2.21 16.70 10.24
CA ALA C 189 -0.99 15.95 10.56
C ALA C 189 -1.19 15.09 11.83
N ASN C 190 -1.97 15.63 12.79
CA ASN C 190 -2.30 14.93 14.02
C ASN C 190 -3.16 13.71 13.67
N GLN C 191 -4.13 13.87 12.77
CA GLN C 191 -5.00 12.76 12.35
C GLN C 191 -4.29 11.69 11.54
N ILE C 192 -3.16 12.04 10.90
CA ILE C 192 -2.35 11.07 10.16
C ILE C 192 -1.65 10.20 11.23
N ILE C 193 -1.02 10.84 12.23
CA ILE C 193 -0.32 10.11 13.28
C ILE C 193 -1.30 9.25 14.06
N VAL C 194 -2.50 9.77 14.36
CA VAL C 194 -3.48 8.98 15.11
C VAL C 194 -3.89 7.73 14.33
N ALA C 195 -4.40 7.90 13.08
CA ALA C 195 -4.80 6.75 12.30
C ALA C 195 -3.64 5.75 12.03
N LEU C 196 -2.44 6.25 11.71
CA LEU C 196 -1.30 5.37 11.45
C LEU C 196 -0.77 4.68 12.72
N ASN C 197 -0.81 5.36 13.89
CA ASN C 197 -0.41 4.72 15.14
C ASN C 197 -1.45 3.63 15.52
N ILE C 198 -2.74 3.86 15.18
CA ILE C 198 -3.79 2.87 15.41
C ILE C 198 -3.53 1.67 14.53
N GLN C 199 -3.17 1.89 13.25
CA GLN C 199 -2.88 0.79 12.35
C GLN C 199 -1.57 0.03 12.76
N ALA C 200 -0.57 0.74 13.33
CA ALA C 200 0.68 0.16 13.80
C ALA C 200 0.42 -0.83 14.95
N VAL C 201 -0.39 -0.44 15.95
CA VAL C 201 -0.76 -1.30 17.08
C VAL C 201 -1.65 -2.48 16.60
N ALA C 202 -2.65 -2.20 15.74
CA ALA C 202 -3.52 -3.25 15.22
C ALA C 202 -2.74 -4.30 14.42
N GLU C 203 -1.82 -3.85 13.54
CA GLU C 203 -1.01 -4.78 12.77
C GLU C 203 -0.10 -5.63 13.65
N ALA C 204 0.56 -5.01 14.65
CA ALA C 204 1.46 -5.69 15.57
C ALA C 204 0.78 -6.67 16.53
N LEU C 205 -0.37 -6.29 17.10
CA LEU C 205 -1.10 -7.19 17.99
C LEU C 205 -1.76 -8.33 17.19
N LEU C 206 -2.15 -8.10 15.92
CA LEU C 206 -2.72 -9.16 15.09
C LEU C 206 -1.66 -10.20 14.83
N PHE C 207 -0.45 -9.75 14.47
CA PHE C 207 0.70 -10.61 14.22
C PHE C 207 0.99 -11.43 15.47
N ALA C 208 1.02 -10.77 16.64
CA ALA C 208 1.31 -11.46 17.89
C ALA C 208 0.25 -12.51 18.24
N ALA C 209 -1.03 -12.18 18.06
CA ALA C 209 -2.13 -13.09 18.37
C ALA C 209 -2.15 -14.27 17.43
N ARG C 210 -1.90 -14.03 16.14
CA ARG C 210 -1.85 -15.09 15.13
C ARG C 210 -0.67 -16.08 15.36
N ASN C 211 0.40 -15.61 16.02
CA ASN C 211 1.55 -16.42 16.41
C ASN C 211 1.36 -17.17 17.75
N GLY C 212 0.21 -16.96 18.39
CA GLY C 212 -0.09 -17.68 19.64
C GLY C 212 0.12 -16.82 20.88
N ALA C 213 0.55 -15.58 20.72
CA ALA C 213 0.84 -14.74 21.89
C ALA C 213 -0.45 -14.08 22.39
N ASP C 214 -0.45 -13.65 23.65
CA ASP C 214 -1.62 -12.91 24.21
C ASP C 214 -1.40 -11.43 23.93
N PRO C 215 -2.21 -10.81 23.06
CA PRO C 215 -2.08 -9.40 22.75
C PRO C 215 -1.91 -8.54 24.01
N ALA C 216 -2.57 -8.94 25.11
CA ALA C 216 -2.53 -8.14 26.35
C ALA C 216 -1.12 -8.08 26.92
N LYS C 217 -0.44 -9.22 26.95
CA LYS C 217 0.93 -9.29 27.51
C LYS C 217 1.90 -8.57 26.55
N VAL C 218 1.65 -8.70 25.25
CA VAL C 218 2.49 -7.97 24.25
C VAL C 218 2.39 -6.47 24.55
N ARG C 219 1.18 -5.94 24.63
CA ARG C 219 0.99 -4.50 24.93
C ARG C 219 1.75 -4.16 26.21
N GLU C 220 1.61 -4.99 27.24
CA GLU C 220 2.29 -4.75 28.54
C GLU C 220 3.79 -4.70 28.33
N ALA C 221 4.30 -5.59 27.49
CA ALA C 221 5.76 -5.64 27.25
C ALA C 221 6.20 -4.44 26.41
N LEU C 222 5.39 -4.04 25.43
CA LEU C 222 5.79 -2.95 24.49
C LEU C 222 5.61 -1.56 25.12
N MET C 223 4.84 -1.45 26.20
CA MET C 223 4.61 -0.13 26.78
C MET C 223 5.80 0.48 27.53
N GLY C 224 6.83 -0.32 27.78
CA GLY C 224 8.02 0.19 28.47
C GLY C 224 9.20 0.53 27.58
N GLY C 225 9.02 0.44 26.26
CA GLY C 225 10.10 0.72 25.32
C GLY C 225 9.80 1.81 24.30
N PHE C 226 10.43 1.72 23.13
CA PHE C 226 10.25 2.70 22.05
C PHE C 226 8.93 2.57 21.30
N ALA C 227 8.28 1.41 21.37
CA ALA C 227 6.97 1.25 20.73
C ALA C 227 5.85 1.92 21.55
N SER C 228 6.14 2.46 22.75
CA SER C 228 5.17 3.08 23.64
C SER C 228 4.59 4.36 23.10
N SER C 229 3.26 4.48 23.20
CA SER C 229 2.51 5.63 22.72
C SER C 229 1.18 5.79 23.47
N ARG C 230 0.50 6.97 23.36
CA ARG C 230 -0.81 7.12 23.96
C ARG C 230 -1.85 6.22 23.26
N ILE C 231 -1.63 5.89 21.97
CA ILE C 231 -2.50 4.98 21.19
C ILE C 231 -2.32 3.53 21.67
N LEU C 232 -1.08 3.13 22.01
CA LEU C 232 -0.85 1.77 22.54
C LEU C 232 -1.48 1.64 23.95
N GLU C 233 -1.41 2.72 24.74
CA GLU C 233 -1.98 2.76 26.07
C GLU C 233 -3.51 2.75 26.05
N VAL C 234 -4.14 3.63 25.28
CA VAL C 234 -5.61 3.72 25.23
C VAL C 234 -6.21 2.77 24.21
N HIS C 235 -5.96 2.98 22.88
CA HIS C 235 -6.54 2.17 21.81
C HIS C 235 -6.09 0.72 21.82
N GLY C 236 -4.84 0.48 22.23
CA GLY C 236 -4.28 -0.87 22.36
C GLY C 236 -5.10 -1.71 23.30
N GLU C 237 -5.46 -1.12 24.47
CA GLU C 237 -6.31 -1.76 25.47
C GLU C 237 -7.73 -2.00 24.93
N ARG C 238 -8.27 -1.07 24.14
CA ARG C 238 -9.60 -1.23 23.53
C ARG C 238 -9.59 -2.38 22.56
N MET C 239 -8.52 -2.51 21.74
CA MET C 239 -8.37 -3.60 20.78
C MET C 239 -8.28 -4.96 21.47
N VAL C 240 -7.62 -5.00 22.65
CA VAL C 240 -7.45 -6.19 23.48
C VAL C 240 -8.75 -6.56 24.21
N LYS C 241 -9.45 -5.56 24.76
CA LYS C 241 -10.69 -5.74 25.53
C LYS C 241 -11.94 -5.83 24.68
N GLY C 242 -11.92 -5.34 23.46
CA GLY C 242 -13.10 -5.33 22.59
C GLY C 242 -14.05 -4.18 22.84
N THR C 243 -13.54 -3.15 23.51
CA THR C 243 -14.33 -1.93 23.84
C THR C 243 -14.25 -0.97 22.66
N PHE C 244 -15.16 -1.07 21.70
CA PHE C 244 -15.07 -0.26 20.46
C PHE C 244 -16.25 0.70 20.36
N ASP C 245 -16.87 1.01 21.48
CA ASP C 245 -18.02 1.96 21.49
C ASP C 245 -17.50 3.35 21.15
N PRO C 246 -18.29 4.12 20.36
CA PRO C 246 -17.89 5.44 19.90
C PRO C 246 -17.33 6.45 20.89
N GLY C 247 -16.05 6.74 20.74
CA GLY C 247 -15.31 7.80 21.36
C GLY C 247 -15.15 8.66 20.13
N PHE C 248 -14.25 8.24 19.22
CA PHE C 248 -14.06 8.94 17.95
C PHE C 248 -14.48 8.01 16.80
N ARG C 249 -15.52 8.38 16.04
CA ARG C 249 -16.07 7.47 15.00
C ARG C 249 -15.18 7.37 13.76
N ILE C 250 -15.16 6.21 13.13
CA ILE C 250 -14.31 5.96 11.92
C ILE C 250 -14.74 6.89 10.78
N SER C 251 -16.05 7.12 10.63
CA SER C 251 -16.56 8.06 9.61
C SER C 251 -15.84 9.40 9.73
N LEU C 252 -15.66 9.85 10.96
CA LEU C 252 -15.00 11.15 11.21
C LEU C 252 -13.52 11.06 10.87
N HIS C 253 -12.85 9.96 11.24
CA HIS C 253 -11.42 9.83 10.84
C HIS C 253 -11.30 9.69 9.32
N GLN C 254 -12.25 9.01 8.69
CA GLN C 254 -12.24 8.89 7.25
C GLN C 254 -12.24 10.27 6.56
N LYS C 255 -13.05 11.19 7.09
CA LYS C 255 -13.20 12.57 6.61
C LYS C 255 -11.87 13.30 6.76
N ASP C 256 -11.20 13.13 7.91
CA ASP C 256 -9.88 13.72 8.22
C ASP C 256 -8.76 13.16 7.35
N LEU C 257 -8.80 11.86 7.09
CA LEU C 257 -7.81 11.22 6.23
C LEU C 257 -7.99 11.68 4.78
N ASN C 258 -9.24 11.99 4.36
CA ASN C 258 -9.47 12.50 3.03
C ASN C 258 -8.89 13.93 2.90
N LEU C 259 -8.89 14.73 3.98
CA LEU C 259 -8.25 16.06 3.93
C LEU C 259 -6.74 15.90 3.70
N ALA C 260 -6.11 14.87 4.31
CA ALA C 260 -4.68 14.57 4.12
C ALA C 260 -4.38 14.12 2.69
N LEU C 261 -5.23 13.22 2.17
CA LEU C 261 -5.06 12.69 0.82
C LEU C 261 -5.31 13.74 -0.27
N ALA C 262 -6.27 14.68 -0.05
CA ALA C 262 -6.54 15.78 -0.99
C ALA C 262 -5.34 16.72 -1.01
N GLY C 263 -4.80 17.04 0.17
CA GLY C 263 -3.61 17.89 0.30
C GLY C 263 -2.39 17.26 -0.33
N ALA C 264 -2.26 15.92 -0.27
CA ALA C 264 -1.16 15.15 -0.88
C ALA C 264 -1.29 15.19 -2.39
N ARG C 265 -2.52 15.06 -2.91
CA ARG C 265 -2.72 15.14 -4.34
C ARG C 265 -2.43 16.56 -4.83
N GLU C 266 -2.82 17.58 -4.06
CA GLU C 266 -2.59 18.99 -4.39
C GLU C 266 -1.12 19.38 -4.37
N LEU C 267 -0.33 18.85 -3.40
CA LEU C 267 1.06 19.25 -3.22
C LEU C 267 2.10 18.15 -3.57
N ASN C 268 1.66 17.13 -4.30
CA ASN C 268 2.49 16.06 -4.81
C ASN C 268 3.26 15.32 -3.73
N LEU C 269 2.52 14.67 -2.84
CA LEU C 269 3.10 13.88 -1.77
C LEU C 269 2.74 12.43 -1.94
N ASN C 270 3.73 11.58 -1.84
CA ASN C 270 3.53 10.14 -1.88
C ASN C 270 3.55 9.74 -0.43
N LEU C 271 2.37 9.45 0.15
CA LEU C 271 2.20 9.05 1.56
C LEU C 271 1.49 7.69 1.53
N PRO C 272 2.25 6.58 1.37
CA PRO C 272 1.61 5.27 1.17
C PRO C 272 0.86 4.66 2.35
N ASN C 273 1.26 4.95 3.60
CA ASN C 273 0.58 4.37 4.75
C ASN C 273 -0.72 5.12 5.03
N THR C 274 -0.73 6.48 4.88
CA THR C 274 -1.95 7.29 5.04
C THR C 274 -2.97 6.83 4.00
N ALA C 275 -2.49 6.62 2.75
CA ALA C 275 -3.32 6.15 1.65
C ALA C 275 -3.92 4.80 1.94
N ASN C 276 -3.15 3.87 2.53
CA ASN C 276 -3.62 2.53 2.84
C ASN C 276 -4.56 2.49 4.01
N ALA C 277 -4.32 3.35 5.02
CA ALA C 277 -5.15 3.46 6.22
C ALA C 277 -6.60 3.75 5.85
N GLN C 278 -6.80 4.59 4.82
CA GLN C 278 -8.13 4.97 4.35
C GLN C 278 -8.86 3.73 3.78
N GLN C 279 -8.11 2.88 3.07
CA GLN C 279 -8.63 1.65 2.49
C GLN C 279 -9.05 0.68 3.59
N VAL C 280 -8.26 0.59 4.66
CA VAL C 280 -8.57 -0.27 5.80
C VAL C 280 -9.81 0.23 6.56
N PHE C 281 -9.97 1.55 6.63
CA PHE C 281 -11.15 2.21 7.22
C PHE C 281 -12.40 1.91 6.39
N SER C 282 -12.25 1.76 5.08
CA SER C 282 -13.40 1.48 4.20
C SER C 282 -13.83 0.02 4.40
N THR C 283 -12.88 -0.86 4.72
CA THR C 283 -13.19 -2.27 5.00
C THR C 283 -13.98 -2.31 6.31
N CYS C 284 -13.59 -1.48 7.26
CA CYS C 284 -14.28 -1.41 8.58
C CYS C 284 -15.73 -0.97 8.37
N ALA C 285 -15.95 -0.05 7.43
CA ALA C 285 -17.30 0.47 7.16
C ALA C 285 -18.12 -0.55 6.38
N ALA C 286 -17.46 -1.36 5.55
CA ALA C 286 -18.16 -2.40 4.77
C ALA C 286 -18.69 -3.47 5.71
N ILE C 287 -18.04 -3.64 6.87
CA ILE C 287 -18.49 -4.65 7.88
C ILE C 287 -19.32 -3.96 8.96
N GLY C 288 -19.89 -2.79 8.66
CA GLY C 288 -20.78 -2.07 9.60
C GLY C 288 -20.08 -1.32 10.71
N GLY C 289 -18.92 -0.71 10.46
CA GLY C 289 -18.15 -0.09 11.55
C GLY C 289 -17.93 1.41 11.43
N SER C 290 -18.72 2.09 10.59
CA SER C 290 -18.58 3.54 10.39
C SER C 290 -18.67 4.28 11.73
N ASN C 291 -19.45 3.75 12.66
CA ASN C 291 -19.68 4.45 13.95
C ASN C 291 -18.88 3.80 15.08
N TRP C 292 -18.02 2.84 14.77
CA TRP C 292 -17.15 2.27 15.82
C TRP C 292 -16.10 3.30 16.22
N ASP C 293 -15.46 3.10 17.37
CA ASP C 293 -14.32 3.98 17.73
C ASP C 293 -13.18 3.61 16.79
N HIS C 294 -12.41 4.59 16.33
CA HIS C 294 -11.32 4.34 15.35
C HIS C 294 -10.39 3.20 15.82
N SER C 295 -10.42 2.87 17.11
CA SER C 295 -9.65 1.70 17.60
C SER C 295 -10.12 0.43 16.86
N ALA C 296 -11.35 0.43 16.34
CA ALA C 296 -11.92 -0.78 15.70
C ALA C 296 -11.33 -0.99 14.31
N LEU C 297 -10.27 -0.26 13.96
CA LEU C 297 -9.57 -0.49 12.68
C LEU C 297 -9.09 -1.95 12.70
N ILE C 298 -8.78 -2.46 13.89
CA ILE C 298 -8.26 -3.85 14.03
C ILE C 298 -9.29 -4.82 13.44
N LYS C 299 -10.58 -4.53 13.60
CA LYS C 299 -11.63 -5.45 13.12
C LYS C 299 -11.50 -5.59 11.60
N GLY C 300 -11.13 -4.52 10.91
CA GLY C 300 -10.89 -4.61 9.47
C GLY C 300 -9.74 -5.55 9.17
N LEU C 301 -8.60 -5.34 9.83
CA LEU C 301 -7.41 -6.19 9.62
C LEU C 301 -7.74 -7.63 10.02
N GLU C 302 -8.56 -7.81 11.04
CA GLU C 302 -8.98 -9.17 11.48
C GLU C 302 -9.81 -9.81 10.37
N HIS C 303 -10.73 -9.06 9.77
CA HIS C 303 -11.54 -9.58 8.65
C HIS C 303 -10.60 -9.98 7.53
N MET C 304 -9.65 -9.12 7.21
CA MET C 304 -8.68 -9.36 6.10
C MET C 304 -7.78 -10.56 6.40
N ALA C 305 -7.59 -10.91 7.67
CA ALA C 305 -6.82 -12.09 8.09
C ALA C 305 -7.72 -13.28 8.49
N ASN C 306 -9.06 -13.10 8.47
CA ASN C 306 -10.10 -14.07 8.86
C ASN C 306 -9.77 -14.58 10.27
N PHE C 307 -9.41 -13.66 11.17
CA PHE C 307 -8.92 -14.05 12.50
C PHE C 307 -8.96 -12.86 13.46
N SER C 308 -9.53 -13.07 14.64
CA SER C 308 -9.61 -12.04 15.66
C SER C 308 -8.50 -12.21 16.72
N ILE C 309 -8.08 -11.09 17.34
CA ILE C 309 -7.11 -11.15 18.42
C ILE C 309 -7.78 -11.42 19.80
N ARG C 310 -9.12 -11.52 19.83
CA ARG C 310 -9.92 -11.76 21.02
C ARG C 310 -10.66 -13.10 20.94
N ASP C 311 -11.06 -13.62 22.11
CA ASP C 311 -11.81 -14.88 22.17
C ASP C 311 -13.25 -14.62 21.74
N GLU C 312 -13.63 -15.17 20.57
CA GLU C 312 -14.95 -15.00 19.97
C GLU C 312 -16.04 -15.74 20.75
N GLN D 15 21.80 -11.42 46.20
CA GLN D 15 21.02 -12.62 45.95
C GLN D 15 21.92 -13.83 45.48
N HIS D 16 21.33 -14.80 44.78
CA HIS D 16 22.08 -16.01 44.33
C HIS D 16 23.08 -15.67 43.22
N MET D 17 24.35 -16.03 43.43
CA MET D 17 25.39 -15.80 42.40
C MET D 17 25.44 -17.07 41.55
N ALA D 18 25.06 -16.97 40.29
CA ALA D 18 24.95 -18.19 39.48
C ALA D 18 26.14 -18.42 38.56
N LYS D 19 26.32 -19.66 38.15
CA LYS D 19 27.36 -20.00 37.20
C LYS D 19 26.65 -19.81 35.85
N ILE D 20 27.14 -18.89 35.04
CA ILE D 20 26.40 -18.58 33.79
C ILE D 20 27.33 -18.70 32.58
N GLY D 21 26.90 -19.48 31.60
CA GLY D 21 27.65 -19.57 30.33
C GLY D 21 27.11 -18.57 29.34
N PHE D 22 27.98 -17.98 28.54
CA PHE D 22 27.56 -16.96 27.55
C PHE D 22 28.17 -17.30 26.19
N ILE D 23 27.33 -17.75 25.26
CA ILE D 23 27.81 -18.04 23.88
C ILE D 23 27.43 -16.87 22.97
N GLY D 24 28.39 -16.00 22.68
CA GLY D 24 28.12 -14.79 21.88
C GLY D 24 28.63 -13.55 22.56
N THR D 25 29.93 -13.30 22.52
CA THR D 25 30.55 -12.14 23.21
C THR D 25 30.79 -11.01 22.21
N GLY D 26 29.85 -10.80 21.29
CA GLY D 26 29.99 -9.75 20.27
C GLY D 26 29.63 -8.36 20.77
N ILE D 27 29.02 -7.54 19.91
CA ILE D 27 28.71 -6.11 20.24
C ILE D 27 27.71 -6.05 21.40
N MET D 28 26.76 -6.99 21.41
CA MET D 28 25.71 -6.98 22.47
C MET D 28 26.11 -7.94 23.60
N GLY D 29 26.60 -9.12 23.27
CA GLY D 29 26.91 -10.13 24.31
C GLY D 29 27.99 -9.68 25.27
N LYS D 30 29.05 -9.06 24.77
CA LYS D 30 30.20 -8.70 25.64
C LYS D 30 29.77 -7.71 26.73
N PRO D 31 29.10 -6.59 26.42
CA PRO D 31 28.62 -5.69 27.46
C PRO D 31 27.61 -6.38 28.37
N MET D 32 26.79 -7.29 27.82
CA MET D 32 25.77 -8.03 28.59
C MET D 32 26.50 -8.94 29.58
N ALA D 33 27.52 -9.67 29.09
CA ALA D 33 28.34 -10.56 29.90
C ALA D 33 29.12 -9.77 30.96
N GLN D 34 29.57 -8.56 30.62
CA GLN D 34 30.27 -7.68 31.55
C GLN D 34 29.36 -7.21 32.70
N ASN D 35 28.07 -6.96 32.40
CA ASN D 35 27.12 -6.52 33.44
C ASN D 35 26.74 -7.68 34.38
N LEU D 36 26.75 -8.91 33.88
CA LEU D 36 26.45 -10.09 34.73
C LEU D 36 27.61 -10.26 35.72
N GLN D 37 28.83 -10.03 35.27
CA GLN D 37 30.02 -10.15 36.15
C GLN D 37 29.99 -9.00 37.16
N LYS D 38 29.60 -7.81 36.72
CA LYS D 38 29.47 -6.68 37.66
C LYS D 38 28.49 -7.04 38.79
N ALA D 39 27.40 -7.72 38.45
CA ALA D 39 26.39 -8.14 39.45
C ALA D 39 26.89 -9.26 40.35
N GLY D 40 28.05 -9.86 40.04
CA GLY D 40 28.65 -10.87 40.94
C GLY D 40 28.60 -12.29 40.41
N HIS D 41 28.24 -12.47 39.15
CA HIS D 41 28.04 -13.84 38.62
C HIS D 41 29.35 -14.41 38.08
N SER D 42 29.39 -15.73 37.96
CA SER D 42 30.61 -16.43 37.48
C SER D 42 30.40 -16.76 36.01
N LEU D 43 31.26 -16.21 35.15
CA LEU D 43 31.05 -16.39 33.69
C LEU D 43 31.83 -17.58 33.15
N PHE D 44 31.26 -18.26 32.17
CA PHE D 44 31.88 -19.40 31.50
C PHE D 44 31.73 -19.16 30.00
N LEU D 45 32.85 -19.10 29.31
CA LEU D 45 32.89 -18.86 27.87
C LEU D 45 33.35 -20.10 27.10
N SER D 46 32.98 -20.18 25.81
CA SER D 46 33.44 -21.27 24.95
C SER D 46 34.52 -20.75 23.99
N THR D 47 35.57 -21.53 23.77
CA THR D 47 36.62 -21.16 22.83
C THR D 47 36.60 -22.10 21.60
N HIS D 48 35.42 -22.68 21.27
CA HIS D 48 35.27 -23.58 20.14
C HIS D 48 35.41 -22.86 18.79
N HIS D 49 35.06 -21.57 18.72
CA HIS D 49 35.18 -20.81 17.48
C HIS D 49 36.04 -19.55 17.66
N ASP D 50 36.03 -18.94 18.86
CA ASP D 50 36.76 -17.70 19.09
C ASP D 50 37.59 -17.74 20.38
N ALA D 51 38.62 -16.91 20.45
CA ALA D 51 39.43 -16.80 21.66
C ALA D 51 38.59 -16.04 22.72
N ALA D 52 38.80 -16.37 23.99
CA ALA D 52 38.08 -15.74 25.07
C ALA D 52 38.57 -14.30 25.28
N PRO D 53 37.66 -13.29 25.27
CA PRO D 53 38.09 -11.89 25.46
C PRO D 53 38.92 -11.67 26.73
N ALA D 54 40.07 -11.01 26.57
CA ALA D 54 41.01 -10.75 27.65
C ALA D 54 40.36 -10.02 28.82
N ASP D 55 39.43 -9.09 28.53
CA ASP D 55 38.73 -8.38 29.60
C ASP D 55 37.77 -9.30 30.39
N LEU D 56 37.03 -10.18 29.68
CA LEU D 56 36.14 -11.11 30.35
C LEU D 56 36.94 -12.08 31.23
N LEU D 57 38.12 -12.53 30.75
CA LEU D 57 38.99 -13.42 31.53
C LEU D 57 39.58 -12.70 32.74
N GLU D 58 40.02 -11.44 32.57
CA GLU D 58 40.58 -10.63 33.66
C GLU D 58 39.56 -10.40 34.77
N ALA D 59 38.28 -10.26 34.41
CA ALA D 59 37.20 -10.04 35.38
C ALA D 59 36.69 -11.32 36.06
N GLY D 60 37.32 -12.46 35.75
CA GLY D 60 36.97 -13.73 36.39
C GLY D 60 36.31 -14.81 35.56
N ALA D 61 36.17 -14.64 34.21
CA ALA D 61 35.54 -15.68 33.39
C ALA D 61 36.43 -16.90 33.20
N ILE D 62 35.80 -18.07 33.00
CA ILE D 62 36.50 -19.33 32.77
C ILE D 62 36.23 -19.76 31.34
N ALA D 63 37.29 -20.15 30.60
CA ALA D 63 37.10 -20.59 29.21
C ALA D 63 37.14 -22.09 29.13
N LEU D 64 36.18 -22.66 28.42
CA LEU D 64 36.10 -24.09 28.18
C LEU D 64 36.17 -24.35 26.68
N ALA D 65 36.57 -25.55 26.26
CA ALA D 65 36.78 -25.84 24.85
C ALA D 65 35.55 -25.74 23.95
N ASN D 66 34.34 -26.00 24.49
CA ASN D 66 33.14 -26.00 23.66
C ASN D 66 31.85 -25.65 24.44
N PRO D 67 30.72 -25.37 23.75
CA PRO D 67 29.48 -25.04 24.46
C PRO D 67 28.93 -26.16 25.35
N LYS D 68 29.33 -27.45 25.12
CA LYS D 68 28.90 -28.60 25.92
C LYS D 68 29.49 -28.50 27.29
N GLU D 69 30.81 -28.25 27.38
CA GLU D 69 31.51 -28.09 28.66
C GLU D 69 30.93 -26.93 29.44
N VAL D 70 30.61 -25.83 28.73
CA VAL D 70 29.97 -24.66 29.33
C VAL D 70 28.61 -25.07 29.94
N ALA D 71 27.76 -25.74 29.15
CA ALA D 71 26.47 -26.22 29.64
C ALA D 71 26.60 -27.17 30.83
N GLN D 72 27.55 -28.13 30.78
CA GLN D 72 27.81 -29.06 31.88
C GLN D 72 28.23 -28.35 33.17
N GLU D 73 28.97 -27.24 33.03
CA GLU D 73 29.45 -26.50 34.18
C GLU D 73 28.49 -25.44 34.76
N ALA D 74 27.76 -24.76 33.91
CA ALA D 74 26.90 -23.65 34.30
C ALA D 74 25.44 -23.98 34.60
N GLU D 75 24.78 -23.17 35.42
CA GLU D 75 23.36 -23.30 35.74
C GLU D 75 22.49 -22.68 34.63
N PHE D 76 22.94 -21.55 34.08
CA PHE D 76 22.23 -20.88 33.00
C PHE D 76 23.15 -20.77 31.80
N ILE D 77 22.61 -20.96 30.59
CA ILE D 77 23.41 -20.80 29.38
C ILE D 77 22.74 -19.77 28.46
N ILE D 78 23.39 -18.64 28.21
CA ILE D 78 22.85 -17.60 27.33
C ILE D 78 23.48 -17.68 25.94
N VAL D 79 22.64 -17.44 24.94
CA VAL D 79 23.10 -17.40 23.52
C VAL D 79 22.74 -16.02 22.96
N MET D 80 23.74 -15.19 22.69
CA MET D 80 23.50 -13.86 22.06
C MET D 80 24.19 -13.86 20.70
N VAL D 81 23.52 -14.40 19.69
CA VAL D 81 24.12 -14.50 18.33
C VAL D 81 23.22 -13.78 17.32
N PRO D 82 23.78 -13.30 16.19
CA PRO D 82 23.01 -12.55 15.18
C PRO D 82 21.83 -13.23 14.46
N ASP D 83 22.05 -14.38 13.83
CA ASP D 83 20.99 -15.00 13.00
C ASP D 83 20.49 -16.39 13.45
N THR D 84 19.29 -16.79 12.97
CA THR D 84 18.65 -18.10 13.24
C THR D 84 19.56 -19.32 13.00
N PRO D 85 20.36 -19.42 11.91
CA PRO D 85 21.24 -20.59 11.75
C PRO D 85 22.30 -20.73 12.86
N GLN D 86 22.86 -19.59 13.32
CA GLN D 86 23.87 -19.55 14.39
C GLN D 86 23.30 -20.00 15.74
N VAL D 87 22.01 -19.73 15.99
CA VAL D 87 21.34 -20.15 17.21
C VAL D 87 21.24 -21.69 17.17
N GLU D 88 20.72 -22.25 16.07
CA GLU D 88 20.58 -23.69 15.84
C GLU D 88 21.94 -24.37 15.97
N ASP D 89 22.99 -23.78 15.38
CA ASP D 89 24.34 -24.32 15.42
C ASP D 89 24.83 -24.53 16.85
N VAL D 90 24.98 -23.43 17.63
CA VAL D 90 25.50 -23.53 18.99
C VAL D 90 24.63 -24.42 19.91
N LEU D 91 23.33 -24.55 19.60
CA LEU D 91 22.44 -25.40 20.37
C LEU D 91 22.62 -26.90 20.10
N PHE D 92 22.60 -27.35 18.84
CA PHE D 92 22.54 -28.78 18.54
C PHE D 92 23.76 -29.39 17.84
N ARG D 93 24.83 -28.60 17.61
CA ARG D 93 26.03 -29.15 16.98
C ARG D 93 26.68 -30.21 17.90
N LYS D 94 27.73 -30.91 17.39
CA LYS D 94 28.47 -31.88 18.18
C LYS D 94 29.22 -31.07 19.25
N ASP D 95 29.09 -31.48 20.50
CA ASP D 95 29.63 -30.77 21.65
C ASP D 95 28.97 -29.37 21.84
N GLY D 96 27.70 -29.27 21.46
CA GLY D 96 26.91 -28.05 21.59
C GLY D 96 26.24 -27.92 22.94
N ILE D 97 25.33 -26.97 23.08
CA ILE D 97 24.66 -26.73 24.35
C ILE D 97 23.74 -27.86 24.75
N ALA D 98 22.92 -28.39 23.82
CA ALA D 98 21.96 -29.47 24.09
C ALA D 98 22.65 -30.71 24.64
N GLU D 99 23.83 -31.02 24.10
CA GLU D 99 24.64 -32.15 24.53
C GLU D 99 25.11 -32.02 25.99
N GLY D 100 25.34 -30.79 26.44
CA GLY D 100 25.72 -30.54 27.84
C GLY D 100 24.56 -30.22 28.77
N ALA D 101 23.34 -30.05 28.21
CA ALA D 101 22.14 -29.70 28.98
C ALA D 101 21.38 -30.88 29.61
N GLY D 102 20.76 -30.60 30.73
CA GLY D 102 19.96 -31.58 31.46
C GLY D 102 19.18 -30.94 32.57
N PRO D 103 18.55 -31.75 33.43
CA PRO D 103 17.76 -31.19 34.56
C PRO D 103 18.39 -30.02 35.33
N ASN D 104 17.57 -29.04 35.70
CA ASN D 104 17.95 -27.85 36.47
C ASN D 104 18.91 -26.88 35.72
N LYS D 105 19.11 -27.07 34.42
CA LYS D 105 19.91 -26.14 33.63
C LYS D 105 18.96 -25.33 32.73
N VAL D 106 19.17 -24.01 32.66
CA VAL D 106 18.30 -23.14 31.87
C VAL D 106 19.01 -22.59 30.63
N VAL D 107 18.48 -22.87 29.43
CA VAL D 107 19.02 -22.36 28.16
C VAL D 107 18.24 -21.11 27.76
N ILE D 108 18.91 -19.96 27.68
CA ILE D 108 18.26 -18.70 27.35
C ILE D 108 18.78 -18.12 26.06
N ASP D 109 17.93 -18.09 25.04
CA ASP D 109 18.30 -17.47 23.77
C ASP D 109 17.91 -15.99 23.83
N MET D 110 18.91 -15.10 23.84
CA MET D 110 18.63 -13.67 23.84
C MET D 110 18.86 -13.00 22.47
N SER D 111 19.01 -13.83 21.42
CA SER D 111 19.07 -13.44 20.02
C SER D 111 17.62 -13.19 19.55
N SER D 112 17.42 -12.40 18.49
CA SER D 112 16.08 -12.14 17.94
C SER D 112 15.98 -12.94 16.64
N ILE D 113 15.24 -14.01 16.67
CA ILE D 113 15.10 -14.94 15.57
C ILE D 113 13.61 -15.32 15.40
N SER D 114 13.31 -16.19 14.43
CA SER D 114 11.98 -16.66 14.16
C SER D 114 11.26 -17.23 15.39
N PRO D 115 10.03 -16.75 15.64
CA PRO D 115 9.24 -17.34 16.73
C PRO D 115 8.88 -18.81 16.47
N THR D 116 8.71 -19.20 15.20
CA THR D 116 8.38 -20.58 14.86
C THR D 116 9.59 -21.50 15.02
N ALA D 117 10.78 -21.03 14.68
CA ALA D 117 12.00 -21.83 14.89
C ALA D 117 12.31 -21.93 16.39
N THR D 118 11.96 -20.90 17.16
CA THR D 118 12.25 -20.87 18.61
C THR D 118 11.48 -21.99 19.31
N LYS D 119 10.20 -22.14 19.00
CA LYS D 119 9.36 -23.16 19.67
C LYS D 119 9.99 -24.55 19.47
N GLY D 120 10.55 -24.79 18.29
CA GLY D 120 11.19 -26.08 18.00
C GLY D 120 12.45 -26.27 18.82
N PHE D 121 13.28 -25.23 18.91
CA PHE D 121 14.53 -25.32 19.70
C PHE D 121 14.19 -25.62 21.16
N ALA D 122 13.14 -24.99 21.68
CA ALA D 122 12.79 -25.15 23.11
C ALA D 122 12.33 -26.58 23.40
N GLU D 123 11.64 -27.20 22.43
CA GLU D 123 11.16 -28.60 22.62
C GLU D 123 12.34 -29.56 22.62
N LYS D 124 13.31 -29.36 21.72
CA LYS D 124 14.50 -30.21 21.72
C LYS D 124 15.36 -29.94 22.96
N ILE D 125 15.35 -28.71 23.47
CA ILE D 125 16.12 -28.42 24.70
C ILE D 125 15.44 -29.09 25.90
N LYS D 126 14.12 -29.03 25.95
CA LYS D 126 13.36 -29.59 27.11
C LYS D 126 13.40 -31.12 27.08
N ALA D 127 13.64 -31.73 25.93
CA ALA D 127 13.76 -33.20 25.84
C ALA D 127 14.94 -33.65 26.69
N THR D 128 16.00 -32.84 26.74
CA THR D 128 17.14 -33.14 27.60
C THR D 128 16.77 -33.03 29.12
N GLY D 129 15.65 -32.41 29.43
CA GLY D 129 15.25 -32.14 30.80
C GLY D 129 15.60 -30.72 31.24
N ALA D 130 16.30 -29.97 30.39
CA ALA D 130 16.67 -28.59 30.66
C ALA D 130 15.50 -27.67 30.36
N GLN D 131 15.54 -26.47 30.89
CA GLN D 131 14.48 -25.48 30.58
C GLN D 131 14.99 -24.53 29.50
N TYR D 132 14.07 -23.91 28.77
CA TYR D 132 14.44 -22.97 27.68
C TYR D 132 13.67 -21.66 27.85
N LEU D 133 14.36 -20.55 27.63
CA LEU D 133 13.67 -19.24 27.67
C LEU D 133 14.06 -18.46 26.40
N ASP D 134 13.08 -17.86 25.73
CA ASP D 134 13.40 -16.96 24.58
C ASP D 134 13.29 -15.53 25.13
N ALA D 135 14.43 -14.87 25.27
CA ALA D 135 14.44 -13.50 25.86
C ALA D 135 15.07 -12.51 24.91
N PRO D 136 14.50 -12.26 23.70
CA PRO D 136 15.02 -11.25 22.80
C PRO D 136 15.04 -9.87 23.48
N VAL D 137 16.06 -9.08 23.17
CA VAL D 137 16.22 -7.77 23.86
C VAL D 137 16.03 -6.63 22.85
N SER D 138 15.76 -5.43 23.36
CA SER D 138 15.65 -4.24 22.49
C SER D 138 16.41 -3.11 23.20
N GLY D 139 17.28 -2.41 22.48
CA GLY D 139 18.01 -1.28 23.10
C GLY D 139 19.37 -1.05 22.48
N GLY D 140 19.88 -2.06 21.77
CA GLY D 140 21.16 -1.89 21.05
C GLY D 140 22.38 -1.84 21.94
N GLU D 141 23.55 -1.65 21.34
CA GLU D 141 24.84 -1.65 22.09
C GLU D 141 24.79 -0.70 23.28
N VAL D 142 24.21 0.48 23.10
CA VAL D 142 24.27 1.49 24.20
C VAL D 142 23.40 1.01 25.37
N GLY D 143 22.31 0.29 25.08
CA GLY D 143 21.45 -0.23 26.14
C GLY D 143 22.07 -1.43 26.81
N ALA D 144 22.79 -2.22 26.02
CA ALA D 144 23.50 -3.40 26.58
C ALA D 144 24.59 -2.90 27.51
N LYS D 145 25.35 -1.91 27.03
CA LYS D 145 26.43 -1.34 27.83
C LYS D 145 25.89 -0.64 29.08
N ALA D 146 24.70 -0.02 28.98
CA ALA D 146 24.10 0.71 30.10
C ALA D 146 23.14 -0.11 30.97
N ALA D 147 22.90 -1.41 30.61
CA ALA D 147 21.97 -2.32 31.27
C ALA D 147 20.56 -1.76 31.29
N THR D 148 20.17 -1.16 30.17
CA THR D 148 18.83 -0.51 30.10
C THR D 148 17.99 -1.25 29.06
N LEU D 149 18.46 -2.40 28.60
CA LEU D 149 17.76 -3.12 27.53
C LEU D 149 16.37 -3.54 27.98
N SER D 150 15.46 -3.69 27.03
CA SER D 150 14.11 -4.21 27.35
C SER D 150 14.12 -5.69 26.96
N ILE D 151 13.64 -6.56 27.84
CA ILE D 151 13.72 -8.02 27.55
C ILE D 151 12.33 -8.61 27.55
N MET D 152 11.93 -9.18 26.42
CA MET D 152 10.59 -9.81 26.29
C MET D 152 10.82 -11.31 26.34
N VAL D 153 10.26 -11.99 27.33
CA VAL D 153 10.61 -13.42 27.53
C VAL D 153 9.43 -14.37 27.32
N GLY D 154 9.72 -15.51 26.69
CA GLY D 154 8.72 -16.56 26.57
C GLY D 154 9.26 -17.78 27.31
N GLY D 155 8.47 -18.37 28.20
CA GLY D 155 8.90 -19.58 28.91
C GLY D 155 8.06 -19.90 30.12
N CYS D 156 8.50 -20.88 30.91
CA CYS D 156 7.76 -21.30 32.13
C CYS D 156 7.89 -20.19 33.18
N PRO D 157 6.80 -19.86 33.90
CA PRO D 157 6.82 -18.81 34.93
C PRO D 157 7.85 -19.05 36.04
N ASN D 158 8.10 -20.31 36.36
CA ASN D 158 9.07 -20.65 37.38
C ASN D 158 10.50 -20.45 36.85
N THR D 159 10.74 -20.84 35.60
CA THR D 159 12.03 -20.66 34.95
C THR D 159 12.33 -19.18 34.78
N PHE D 160 11.30 -18.38 34.44
CA PHE D 160 11.41 -16.94 34.26
C PHE D 160 11.83 -16.30 35.57
N GLU D 161 11.15 -16.66 36.71
CA GLU D 161 11.50 -16.06 38.00
C GLU D 161 12.91 -16.49 38.48
N ARG D 162 13.34 -17.70 38.11
CA ARG D 162 14.67 -18.22 38.41
C ARG D 162 15.75 -17.35 37.68
N ALA D 163 15.47 -16.92 36.42
CA ALA D 163 16.40 -16.10 35.63
C ALA D 163 16.18 -14.59 35.73
N LEU D 164 15.10 -14.14 36.38
CA LEU D 164 14.78 -12.71 36.53
C LEU D 164 15.93 -11.88 37.12
N PRO D 165 16.67 -12.31 38.17
CA PRO D 165 17.79 -11.48 38.68
C PRO D 165 18.88 -11.23 37.65
N LEU D 166 19.08 -12.17 36.73
CA LEU D 166 20.08 -12.04 35.64
C LEU D 166 19.58 -11.01 34.63
N PHE D 167 18.34 -11.16 34.18
CA PHE D 167 17.74 -10.19 33.26
C PHE D 167 17.84 -8.78 33.85
N GLN D 168 17.64 -8.65 35.18
CA GLN D 168 17.74 -7.37 35.90
C GLN D 168 19.14 -6.78 35.92
N ALA D 169 20.16 -7.61 35.73
CA ALA D 169 21.54 -7.14 35.66
C ALA D 169 21.88 -6.60 34.24
N MET D 170 21.11 -7.01 33.20
CA MET D 170 21.34 -6.60 31.81
C MET D 170 20.28 -5.65 31.24
N GLY D 171 19.14 -5.50 31.91
CA GLY D 171 18.06 -4.67 31.41
C GLY D 171 17.16 -4.04 32.46
N LYS D 172 16.11 -3.32 31.98
CA LYS D 172 15.18 -2.63 32.85
C LYS D 172 13.73 -3.07 32.61
N ASN D 173 13.16 -2.82 31.41
CA ASN D 173 11.78 -3.24 31.13
C ASN D 173 11.78 -4.72 30.79
N ILE D 174 11.66 -5.55 31.84
CA ILE D 174 11.68 -7.03 31.65
C ILE D 174 10.26 -7.55 31.83
N THR D 175 9.75 -8.27 30.83
CA THR D 175 8.35 -8.76 30.89
C THR D 175 8.27 -10.19 30.36
N ARG D 176 7.52 -11.06 31.03
CA ARG D 176 7.30 -12.41 30.47
C ARG D 176 6.01 -12.35 29.66
N VAL D 177 6.14 -12.47 28.34
CA VAL D 177 4.94 -12.43 27.44
C VAL D 177 4.19 -13.75 27.64
N GLY D 178 4.89 -14.80 28.07
CA GLY D 178 4.22 -16.05 28.42
C GLY D 178 4.21 -17.13 27.36
N GLY D 179 5.16 -18.04 27.38
CA GLY D 179 5.14 -19.17 26.43
C GLY D 179 6.29 -19.13 25.45
N ASN D 180 6.96 -20.26 25.23
CA ASN D 180 8.16 -20.26 24.36
C ASN D 180 7.77 -19.78 22.96
N GLY D 181 8.49 -18.79 22.43
CA GLY D 181 8.15 -18.20 21.13
C GLY D 181 7.50 -16.84 21.30
N ASP D 182 6.83 -16.63 22.44
CA ASP D 182 6.07 -15.37 22.69
C ASP D 182 7.03 -14.20 22.96
N GLY D 183 8.25 -14.48 23.40
CA GLY D 183 9.24 -13.39 23.55
C GLY D 183 9.70 -12.92 22.18
N GLN D 184 10.00 -13.87 21.29
CA GLN D 184 10.39 -13.52 19.89
C GLN D 184 9.21 -12.85 19.19
N THR D 185 8.00 -13.36 19.40
CA THR D 185 6.77 -12.79 18.78
C THR D 185 6.59 -11.35 19.24
N ALA D 186 6.84 -11.09 20.52
CA ALA D 186 6.72 -9.72 21.07
C ALA D 186 7.78 -8.83 20.44
N LYS D 187 8.97 -9.38 20.25
CA LYS D 187 10.07 -8.59 19.62
C LYS D 187 9.63 -8.18 18.21
N VAL D 188 9.06 -9.11 17.46
CA VAL D 188 8.64 -8.78 16.09
C VAL D 188 7.54 -7.70 16.11
N ALA D 189 6.53 -7.87 16.98
CA ALA D 189 5.45 -6.91 17.15
C ALA D 189 6.03 -5.54 17.57
N ASN D 190 7.09 -5.53 18.41
CA ASN D 190 7.76 -4.30 18.84
C ASN D 190 8.34 -3.57 17.61
N GLN D 191 8.99 -4.34 16.72
CA GLN D 191 9.62 -3.84 15.51
C GLN D 191 8.63 -3.37 14.46
N ILE D 192 7.44 -3.98 14.39
CA ILE D 192 6.38 -3.54 13.47
C ILE D 192 5.93 -2.14 13.91
N ILE D 193 5.64 -1.97 15.23
CA ILE D 193 5.27 -0.69 15.80
C ILE D 193 6.36 0.37 15.64
N VAL D 194 7.63 0.05 15.90
CA VAL D 194 8.70 1.06 15.78
C VAL D 194 8.85 1.53 14.31
N ALA D 195 8.81 0.60 13.36
CA ALA D 195 8.89 0.99 11.94
C ALA D 195 7.65 1.81 11.51
N LEU D 196 6.44 1.41 11.94
CA LEU D 196 5.23 2.13 11.55
C LEU D 196 5.05 3.43 12.27
N ASN D 197 5.46 3.54 13.53
CA ASN D 197 5.40 4.82 14.24
C ASN D 197 6.37 5.81 13.64
N ILE D 198 7.52 5.35 13.13
CA ILE D 198 8.49 6.23 12.45
C ILE D 198 7.82 6.75 11.17
N GLN D 199 7.21 5.84 10.38
CA GLN D 199 6.55 6.20 9.15
C GLN D 199 5.40 7.18 9.37
N ALA D 200 4.61 6.99 10.45
CA ALA D 200 3.50 7.88 10.79
C ALA D 200 3.97 9.31 11.10
N VAL D 201 5.05 9.45 11.89
CA VAL D 201 5.62 10.76 12.22
C VAL D 201 6.16 11.40 10.94
N ALA D 202 6.85 10.60 10.09
CA ALA D 202 7.44 11.05 8.84
C ALA D 202 6.42 11.54 7.79
N GLU D 203 5.31 10.81 7.59
CA GLU D 203 4.26 11.21 6.63
C GLU D 203 3.53 12.43 7.13
N ALA D 204 3.31 12.53 8.46
CA ALA D 204 2.65 13.69 9.04
C ALA D 204 3.52 14.95 8.95
N LEU D 205 4.82 14.85 9.30
CA LEU D 205 5.72 16.01 9.24
C LEU D 205 5.97 16.43 7.81
N LEU D 206 6.00 15.46 6.86
CA LEU D 206 6.17 15.80 5.46
C LEU D 206 4.94 16.59 4.98
N PHE D 207 3.73 16.12 5.33
CA PHE D 207 2.48 16.81 5.02
C PHE D 207 2.51 18.26 5.59
N ALA D 208 2.87 18.40 6.86
CA ALA D 208 2.97 19.70 7.51
C ALA D 208 3.94 20.64 6.81
N ALA D 209 5.20 20.24 6.61
CA ALA D 209 6.19 21.09 5.96
C ALA D 209 5.86 21.43 4.50
N ARG D 210 5.29 20.47 3.75
CA ARG D 210 4.89 20.69 2.38
C ARG D 210 3.83 21.79 2.27
N ASN D 211 2.92 21.86 3.29
CA ASN D 211 1.86 22.88 3.40
C ASN D 211 2.35 24.22 3.97
N GLY D 212 3.66 24.40 4.13
CA GLY D 212 4.23 25.64 4.62
C GLY D 212 4.40 25.73 6.12
N ALA D 213 3.86 24.76 6.88
CA ALA D 213 3.99 24.77 8.33
C ALA D 213 5.39 24.39 8.81
N ASP D 214 5.77 24.87 10.01
CA ASP D 214 7.06 24.57 10.63
C ASP D 214 6.96 23.18 11.27
N PRO D 215 7.77 22.20 10.84
CA PRO D 215 7.67 20.85 11.40
C PRO D 215 7.91 20.79 12.90
N ALA D 216 8.81 21.66 13.43
CA ALA D 216 9.14 21.74 14.85
C ALA D 216 7.95 22.22 15.67
N LYS D 217 7.19 23.22 15.16
CA LYS D 217 6.01 23.70 15.86
C LYS D 217 4.86 22.69 15.76
N VAL D 218 4.75 21.99 14.61
CA VAL D 218 3.71 20.96 14.46
C VAL D 218 3.99 19.82 15.43
N ARG D 219 5.27 19.37 15.52
CA ARG D 219 5.68 18.33 16.47
C ARG D 219 5.36 18.75 17.92
N GLU D 220 5.69 19.99 18.31
CA GLU D 220 5.41 20.50 19.66
C GLU D 220 3.90 20.43 19.98
N ALA D 221 3.05 20.90 19.06
CA ALA D 221 1.62 20.88 19.26
C ALA D 221 1.10 19.46 19.38
N LEU D 222 1.58 18.56 18.52
CA LEU D 222 1.15 17.16 18.50
C LEU D 222 1.60 16.33 19.68
N MET D 223 2.70 16.73 20.35
CA MET D 223 3.22 15.99 21.50
C MET D 223 2.31 16.00 22.71
N GLY D 224 1.54 17.05 22.89
CA GLY D 224 0.60 17.12 24.00
C GLY D 224 -0.77 16.58 23.63
N GLY D 225 -0.83 15.35 23.12
CA GLY D 225 -2.11 14.78 22.70
C GLY D 225 -2.07 13.31 22.36
N PHE D 226 -3.09 12.83 21.63
CA PHE D 226 -3.22 11.42 21.22
C PHE D 226 -2.12 10.98 20.24
N ALA D 227 -1.53 11.92 19.51
CA ALA D 227 -0.44 11.60 18.59
C ALA D 227 0.90 11.39 19.34
N SER D 228 0.95 11.66 20.67
CA SER D 228 2.14 11.49 21.49
C SER D 228 2.66 10.05 21.52
N SER D 229 3.99 9.93 21.39
CA SER D 229 4.71 8.66 21.43
C SER D 229 6.21 8.92 21.69
N ARG D 230 6.94 7.87 22.13
CA ARG D 230 8.39 7.95 22.30
C ARG D 230 9.04 8.26 20.95
N ILE D 231 8.50 7.71 19.84
CA ILE D 231 8.98 7.96 18.47
C ILE D 231 8.77 9.43 18.06
N LEU D 232 7.61 10.04 18.34
CA LEU D 232 7.39 11.46 18.01
C LEU D 232 8.36 12.35 18.80
N GLU D 233 8.66 11.96 20.03
CA GLU D 233 9.55 12.70 20.90
C GLU D 233 11.02 12.56 20.48
N VAL D 234 11.47 11.33 20.23
CA VAL D 234 12.88 11.09 19.89
C VAL D 234 13.16 11.15 18.37
N HIS D 235 12.48 10.32 17.59
CA HIS D 235 12.70 10.27 16.15
C HIS D 235 12.15 11.49 15.42
N GLY D 236 11.06 12.05 15.93
CA GLY D 236 10.47 13.26 15.39
C GLY D 236 11.45 14.41 15.44
N GLU D 237 12.19 14.53 16.55
CA GLU D 237 13.20 15.56 16.74
C GLU D 237 14.37 15.37 15.77
N ARG D 238 14.81 14.12 15.58
CA ARG D 238 15.87 13.74 14.63
C ARG D 238 15.50 14.13 13.22
N MET D 239 14.24 13.89 12.83
CA MET D 239 13.70 14.20 11.52
C MET D 239 13.70 15.69 11.26
N VAL D 240 13.39 16.50 12.28
CA VAL D 240 13.37 17.96 12.19
C VAL D 240 14.81 18.53 12.15
N LYS D 241 15.71 17.98 12.97
CA LYS D 241 17.10 18.44 13.10
C LYS D 241 18.07 17.88 12.07
N GLY D 242 17.68 16.82 11.38
CA GLY D 242 18.54 16.17 10.41
C GLY D 242 19.63 15.32 11.04
N THR D 243 19.38 14.86 12.27
CA THR D 243 20.37 14.04 13.02
C THR D 243 20.09 12.56 12.78
N PHE D 244 20.67 11.96 11.74
CA PHE D 244 20.35 10.56 11.37
C PHE D 244 21.56 9.63 11.49
N ASP D 245 22.55 9.97 12.31
CA ASP D 245 23.70 9.07 12.54
C ASP D 245 23.18 7.82 13.24
N PRO D 246 23.53 6.60 12.77
CA PRO D 246 22.94 5.39 13.33
C PRO D 246 23.08 5.19 14.82
N GLY D 247 21.91 4.93 15.33
CA GLY D 247 21.56 4.41 16.61
C GLY D 247 21.14 3.03 16.18
N PHE D 248 20.05 2.94 15.38
CA PHE D 248 19.57 1.66 14.84
C PHE D 248 19.52 1.74 13.33
N ARG D 249 20.40 1.00 12.65
CA ARG D 249 20.50 1.06 11.17
C ARG D 249 19.23 0.62 10.46
N ILE D 250 18.97 1.16 9.28
CA ILE D 250 17.77 0.77 8.48
C ILE D 250 17.92 -0.69 8.04
N SER D 251 19.13 -1.12 7.71
CA SER D 251 19.39 -2.52 7.33
C SER D 251 18.84 -3.46 8.41
N LEU D 252 19.13 -3.15 9.67
CA LEU D 252 18.66 -3.92 10.80
C LEU D 252 17.15 -3.98 10.81
N HIS D 253 16.48 -2.85 10.53
CA HIS D 253 14.99 -2.82 10.57
C HIS D 253 14.41 -3.53 9.34
N GLN D 254 15.12 -3.48 8.21
CA GLN D 254 14.68 -4.23 7.04
C GLN D 254 14.66 -5.73 7.33
N LYS D 255 15.67 -6.22 8.10
CA LYS D 255 15.81 -7.60 8.52
C LYS D 255 14.66 -7.95 9.44
N ASP D 256 14.39 -7.07 10.43
CA ASP D 256 13.27 -7.25 11.34
C ASP D 256 11.92 -7.27 10.62
N LEU D 257 11.68 -6.34 9.69
CA LEU D 257 10.43 -6.34 8.94
C LEU D 257 10.33 -7.53 8.00
N ASN D 258 11.46 -8.07 7.53
CA ASN D 258 11.46 -9.25 6.69
C ASN D 258 10.95 -10.45 7.51
N LEU D 259 11.33 -10.55 8.78
CA LEU D 259 10.85 -11.59 9.65
C LEU D 259 9.32 -11.48 9.84
N ALA D 260 8.81 -10.26 10.13
CA ALA D 260 7.35 -10.07 10.25
C ALA D 260 6.63 -10.44 8.95
N LEU D 261 7.19 -10.01 7.81
CA LEU D 261 6.54 -10.27 6.54
C LEU D 261 6.58 -11.75 6.17
N ALA D 262 7.62 -12.48 6.60
CA ALA D 262 7.69 -13.92 6.40
C ALA D 262 6.57 -14.60 7.18
N GLY D 263 6.38 -14.18 8.44
CA GLY D 263 5.32 -14.68 9.27
C GLY D 263 3.94 -14.37 8.74
N ALA D 264 3.75 -13.16 8.19
CA ALA D 264 2.46 -12.77 7.61
C ALA D 264 2.11 -13.69 6.43
N ARG D 265 3.10 -14.02 5.62
CA ARG D 265 2.88 -14.90 4.44
C ARG D 265 2.60 -16.33 4.91
N GLU D 266 3.28 -16.79 5.95
CA GLU D 266 3.10 -18.14 6.41
C GLU D 266 1.76 -18.32 7.13
N LEU D 267 1.37 -17.33 7.94
CA LEU D 267 0.17 -17.35 8.76
C LEU D 267 -1.06 -16.66 8.17
N ASN D 268 -1.02 -16.31 6.88
CA ASN D 268 -2.13 -15.66 6.17
C ASN D 268 -2.64 -14.36 6.82
N LEU D 269 -1.76 -13.34 6.91
CA LEU D 269 -2.13 -12.02 7.44
C LEU D 269 -1.92 -10.97 6.34
N ASN D 270 -2.86 -10.04 6.22
CA ASN D 270 -2.77 -8.94 5.27
C ASN D 270 -2.38 -7.75 6.14
N LEU D 271 -1.12 -7.34 6.08
CA LEU D 271 -0.52 -6.28 6.90
C LEU D 271 -0.01 -5.28 5.89
N PRO D 272 -0.88 -4.35 5.41
CA PRO D 272 -0.46 -3.42 4.35
C PRO D 272 0.58 -2.39 4.73
N ASN D 273 0.50 -1.86 5.94
CA ASN D 273 1.44 -0.84 6.36
C ASN D 273 2.80 -1.42 6.62
N THR D 274 2.88 -2.63 7.19
CA THR D 274 4.17 -3.28 7.40
C THR D 274 4.78 -3.62 6.02
N ALA D 275 3.93 -4.06 5.07
CA ALA D 275 4.36 -4.39 3.72
C ALA D 275 4.91 -3.16 3.01
N ASN D 276 4.26 -2.01 3.20
CA ASN D 276 4.67 -0.76 2.60
C ASN D 276 5.93 -0.16 3.19
N ALA D 277 6.06 -0.14 4.51
CA ALA D 277 7.24 0.38 5.19
C ALA D 277 8.55 -0.31 4.72
N GLN D 278 8.46 -1.59 4.32
CA GLN D 278 9.62 -2.34 3.81
C GLN D 278 10.01 -1.81 2.43
N GLN D 279 9.03 -1.49 1.59
CA GLN D 279 9.26 -0.89 0.29
C GLN D 279 9.85 0.52 0.43
N VAL D 280 9.45 1.27 1.46
CA VAL D 280 9.98 2.62 1.71
C VAL D 280 11.42 2.51 2.27
N PHE D 281 11.70 1.49 3.10
CA PHE D 281 13.06 1.23 3.57
C PHE D 281 13.95 0.92 2.35
N SER D 282 13.41 0.18 1.33
CA SER D 282 14.14 -0.12 0.09
C SER D 282 14.48 1.17 -0.67
N THR D 283 13.60 2.16 -0.63
CA THR D 283 13.92 3.46 -1.28
C THR D 283 15.13 4.08 -0.56
N CYS D 284 15.08 4.15 0.76
CA CYS D 284 16.16 4.79 1.55
C CYS D 284 17.51 4.13 1.24
N ALA D 285 17.52 2.80 1.13
CA ALA D 285 18.76 2.06 0.81
C ALA D 285 19.21 2.42 -0.61
N ALA D 286 18.25 2.53 -1.53
CA ALA D 286 18.58 2.87 -2.92
C ALA D 286 19.25 4.22 -3.05
N ILE D 287 18.94 5.17 -2.13
CA ILE D 287 19.55 6.51 -2.13
C ILE D 287 20.75 6.59 -1.14
N GLY D 288 21.36 5.44 -0.83
CA GLY D 288 22.54 5.32 0.02
C GLY D 288 22.32 5.31 1.52
N GLY D 289 21.13 4.94 1.97
CA GLY D 289 20.79 4.95 3.39
C GLY D 289 20.66 3.68 4.21
N SER D 290 21.36 2.60 3.84
CA SER D 290 21.28 1.35 4.64
C SER D 290 21.87 1.54 6.05
N ASN D 291 22.79 2.49 6.19
CA ASN D 291 23.48 2.65 7.49
C ASN D 291 23.02 3.94 8.17
N TRP D 292 21.84 4.42 7.83
CA TRP D 292 21.27 5.61 8.52
C TRP D 292 20.40 5.12 9.70
N ASP D 293 20.16 6.00 10.66
CA ASP D 293 19.21 5.65 11.74
C ASP D 293 17.84 5.49 11.08
N HIS D 294 16.99 4.60 11.60
CA HIS D 294 15.66 4.32 11.00
C HIS D 294 14.82 5.61 10.95
N SER D 295 15.16 6.62 11.74
CA SER D 295 14.46 7.93 11.70
C SER D 295 14.56 8.51 10.28
N ALA D 296 15.62 8.18 9.56
CA ALA D 296 15.84 8.73 8.20
C ALA D 296 14.88 8.11 7.19
N LEU D 297 13.85 7.41 7.65
CA LEU D 297 12.81 6.92 6.71
C LEU D 297 12.21 8.16 6.05
N ILE D 298 12.15 9.28 6.77
CA ILE D 298 11.61 10.55 6.23
C ILE D 298 12.36 10.92 4.94
N LYS D 299 13.65 10.63 4.87
CA LYS D 299 14.47 10.97 3.69
C LYS D 299 13.96 10.21 2.46
N GLY D 300 13.44 9.01 2.67
CA GLY D 300 12.88 8.23 1.54
C GLY D 300 11.60 8.85 1.06
N LEU D 301 10.74 9.25 2.00
CA LEU D 301 9.46 9.89 1.64
C LEU D 301 9.78 11.26 1.04
N GLU D 302 10.79 11.93 1.58
CA GLU D 302 11.25 13.21 1.04
C GLU D 302 11.71 13.04 -0.41
N HIS D 303 12.35 11.93 -0.74
CA HIS D 303 12.78 11.59 -2.09
C HIS D 303 11.53 11.33 -2.97
N MET D 304 10.53 10.65 -2.40
CA MET D 304 9.28 10.34 -3.06
C MET D 304 8.44 11.58 -3.32
N ALA D 305 8.57 12.61 -2.46
CA ALA D 305 7.88 13.89 -2.64
C ALA D 305 8.78 14.95 -3.31
N ASN D 306 10.08 14.63 -3.55
CA ASN D 306 11.09 15.54 -4.10
C ASN D 306 11.10 16.87 -3.29
N PHE D 307 10.95 16.72 -1.96
CA PHE D 307 10.86 17.86 -1.06
C PHE D 307 11.30 17.45 0.34
N SER D 308 12.26 18.18 0.89
CA SER D 308 12.78 17.91 2.22
C SER D 308 12.09 18.80 3.26
N ILE D 309 11.82 18.26 4.47
CA ILE D 309 11.24 19.01 5.58
C ILE D 309 12.29 19.93 6.28
N ARG D 310 13.57 19.87 5.86
CA ARG D 310 14.66 20.69 6.37
C ARG D 310 15.27 21.55 5.24
N ASP D 311 16.10 22.54 5.61
CA ASP D 311 16.81 23.37 4.61
C ASP D 311 18.01 22.58 4.07
#